data_8QM3
#
_entry.id   8QM3
#
_cell.length_a   87.290
_cell.length_b   69.770
_cell.length_c   102.640
_cell.angle_alpha   90.00
_cell.angle_beta   102.74
_cell.angle_gamma   90.00
#
_symmetry.space_group_name_H-M   'P 1 21 1'
#
loop_
_entity.id
_entity.type
_entity.pdbx_description
1 polymer 'Iron hydrogenase 1'
2 non-polymer dicarbonyl[bis(cyanide-kappaC)]-mu-(iminodimethanethiolatato-1kappaS:2kappaS)-mu-(oxomethylidene)diiron(2+)
3 non-polymer 'IRON/SULFUR CLUSTER'
4 non-polymer 'FE2/S2 (INORGANIC) CLUSTER'
5 non-polymer 'FORMYL GROUP'
6 non-polymer GLYCEROL
7 non-polymer 'CHLORIDE ION'
8 non-polymer 'MAGNESIUM ION'
9 water water
#
_entity_poly.entity_id   1
_entity_poly.type   'polypeptide(L)'
_entity_poly.pdbx_seq_one_letter_code
;MKTIIINGVQFNTDEDTTILKFARDNNIDISALCFLNNCNNDINKCEICTVEVEGTGLVTACDTLIEDGMIINTNSDAVN
EKIKSRISQLLDIHEFKCGPCNRRENCEFLKLVIKYKARASKPFLPKDKTEYVDERSKSLTVDRTKCLLCGRCVNACGKN
TETYAMKFLNKNGKTIIGAEDEKCFDDTNCLLCGQCIIACPVAALSEKSHMDRVKNALNAPEKHVIVAMAPSVRASIGEL
FNMGFGVDVTGKIYTALRQLGFDKIFDINFGADMTIMEEATELVQRIENNGPFPMFTSCCPGWVRQAENYYPELLNNLSS
AKSPQQIFGTASKTYYPSISGLDPKNVFTVTVMPCTSKKFEADRPQMEKDGLRDIDAVITTRELAKMIKDAKIPFAKLED
SEADPAMGEYSGAGAIFGATGGVMEAALRSAKDFAENAELEDIEYKQVRGLNGIKEAEVEINNNKYNVAVINGASNLFKF
MKSGMINEKQYHFIEVMACHGGCVNGGGQPHVNPKDLEKVDIKKVRASVLYNQDEHLSKRKSHENTALVKMYQNYFGKPG
EGRAHEILHFKYKKSAWSHPQFEK
;
_entity_poly.pdbx_strand_id   A,B
#
loop_
_chem_comp.id
_chem_comp.type
_chem_comp.name
_chem_comp.formula
402 non-polymer dicarbonyl[bis(cyanide-kappaC)]-mu-(iminodimethanethiolatato-1kappaS:2kappaS)-mu-(oxomethylidene)diiron(2+) 'C7 H5 Fe2 N3 O3 S2 2'
CL non-polymer 'CHLORIDE ION' 'Cl -1'
FES non-polymer 'FE2/S2 (INORGANIC) CLUSTER' 'Fe2 S2'
FOR non-polymer 'FORMYL GROUP' 'C H2 O'
GOL non-polymer GLYCEROL 'C3 H8 O3'
MG non-polymer 'MAGNESIUM ION' 'Mg 2'
SF4 non-polymer 'IRON/SULFUR CLUSTER' 'Fe4 S4'
#
# COMPACT_ATOMS: atom_id res chain seq x y z
N MET A 1 15.29 23.91 7.67
CA MET A 1 15.95 22.85 8.47
C MET A 1 15.40 22.78 9.89
N LYS A 2 15.64 21.65 10.54
CA LYS A 2 15.17 21.40 11.90
C LYS A 2 16.34 21.25 12.85
N THR A 3 16.19 21.75 14.06
CA THR A 3 17.11 21.46 15.14
C THR A 3 16.39 20.52 16.10
N ILE A 4 16.97 19.35 16.33
CA ILE A 4 16.44 18.34 17.23
C ILE A 4 17.51 18.08 18.28
N ILE A 5 17.10 17.93 19.54
CA ILE A 5 18.01 17.54 20.60
C ILE A 5 17.55 16.18 21.07
N ILE A 6 18.45 15.19 21.05
CA ILE A 6 18.15 13.86 21.57
C ILE A 6 19.20 13.51 22.60
N ASN A 7 18.75 13.31 23.83
CA ASN A 7 19.65 13.00 24.95
C ASN A 7 20.80 13.98 25.00
N GLY A 8 20.50 15.24 24.74
CA GLY A 8 21.42 16.33 24.92
C GLY A 8 22.31 16.57 23.72
N VAL A 9 22.22 15.71 22.70
CA VAL A 9 22.98 15.86 21.46
C VAL A 9 22.13 16.63 20.45
N GLN A 10 22.73 17.65 19.84
CA GLN A 10 22.03 18.46 18.84
C GLN A 10 22.24 17.90 17.44
N PHE A 11 21.14 17.77 16.69
CA PHE A 11 21.15 17.38 15.29
C PHE A 11 20.49 18.47 14.46
N ASN A 12 21.16 18.92 13.42
CA ASN A 12 20.57 19.82 12.43
C ASN A 12 20.34 18.99 11.17
N THR A 13 19.06 18.85 10.80
CA THR A 13 18.68 17.93 9.74
C THR A 13 17.53 18.49 8.92
N ASP A 14 17.52 18.13 7.64
CA ASP A 14 16.41 18.44 6.76
C ASP A 14 15.54 17.21 6.49
N GLU A 15 15.72 16.15 7.25
CA GLU A 15 14.96 14.92 7.06
C GLU A 15 13.53 15.08 7.59
N ASP A 16 12.58 14.43 6.92
CA ASP A 16 11.21 14.30 7.43
C ASP A 16 11.03 12.82 7.71
N THR A 17 11.16 12.42 8.96
CA THR A 17 11.10 11.02 9.34
C THR A 17 10.67 10.98 10.80
N THR A 18 10.44 9.79 11.29
CA THR A 18 9.97 9.63 12.66
C THR A 18 11.14 9.74 13.64
N ILE A 19 10.83 9.98 14.92
CA ILE A 19 11.85 9.96 15.95
C ILE A 19 12.58 8.62 15.97
N LEU A 20 11.83 7.52 15.83
CA LEU A 20 12.43 6.18 15.88
C LEU A 20 13.43 6.00 14.75
N LYS A 21 13.07 6.35 13.55
CA LYS A 21 13.96 6.12 12.44
C LYS A 21 15.17 7.03 12.52
N PHE A 22 14.94 8.28 12.86
CA PHE A 22 16.06 9.21 12.97
C PHE A 22 17.03 8.75 14.04
N ALA A 23 16.53 8.34 15.20
CA ALA A 23 17.43 7.93 16.27
C ALA A 23 18.19 6.65 15.89
N ARG A 24 17.52 5.66 15.30
CA ARG A 24 18.21 4.45 14.87
C ARG A 24 19.32 4.77 13.87
N ASP A 25 19.05 5.68 12.93
CA ASP A 25 20.04 6.08 11.94
C ASP A 25 21.27 6.69 12.61
N ASN A 26 21.09 7.26 13.81
CA ASN A 26 22.14 7.97 14.53
C ASN A 26 22.58 7.23 15.77
N ASN A 27 22.31 5.92 15.82
CA ASN A 27 22.91 5.04 16.82
C ASN A 27 22.43 5.41 18.22
N ILE A 28 21.13 5.72 18.32
CA ILE A 28 20.45 5.95 19.59
C ILE A 28 19.40 4.87 19.72
N ASP A 29 19.51 4.07 20.79
CA ASP A 29 18.60 2.95 20.99
C ASP A 29 17.21 3.44 21.41
N ILE A 30 16.21 2.98 20.69
CA ILE A 30 14.82 3.09 21.11
C ILE A 30 14.18 1.74 20.84
N SER A 31 13.54 1.19 21.85
CA SER A 31 12.88 -0.10 21.69
C SER A 31 11.61 0.05 20.86
N ALA A 32 11.19 -1.06 20.27
CA ALA A 32 9.95 -1.08 19.51
C ALA A 32 9.42 -2.50 19.55
N LEU A 33 8.11 -2.63 19.37
CA LEU A 33 7.53 -3.96 19.26
C LEU A 33 6.50 -3.98 18.14
N CYS A 34 5.44 -3.17 18.22
CA CYS A 34 4.42 -3.29 17.19
C CYS A 34 4.80 -2.60 15.88
N PHE A 35 5.83 -1.78 15.88
CA PHE A 35 6.33 -1.18 14.66
C PHE A 35 7.11 -2.19 13.82
N LEU A 36 6.71 -2.35 12.55
CA LEU A 36 7.47 -3.16 11.60
C LEU A 36 7.21 -2.64 10.19
N ASN A 37 8.29 -2.49 9.42
CA ASN A 37 8.19 -2.12 8.00
C ASN A 37 7.28 -0.90 7.82
N ASN A 38 7.61 0.14 8.55
CA ASN A 38 6.99 1.45 8.42
C ASN A 38 5.52 1.51 8.79
N CYS A 39 5.02 0.56 9.57
CA CYS A 39 3.69 0.63 10.14
C CYS A 39 3.73 0.16 11.59
N ASN A 40 2.93 0.78 12.44
CA ASN A 40 2.68 0.28 13.78
C ASN A 40 1.20 -0.11 13.87
N ASN A 41 0.78 -0.48 15.08
CA ASN A 41 -0.59 -0.92 15.35
C ASN A 41 -1.40 0.32 15.70
N ASP A 42 -2.18 0.84 14.75
CA ASP A 42 -2.70 2.18 14.95
C ASP A 42 -3.69 2.29 16.09
N ILE A 43 -4.50 1.25 16.35
CA ILE A 43 -5.42 1.23 17.47
C ILE A 43 -4.76 0.40 18.57
N ASN A 44 -4.76 0.91 19.80
CA ASN A 44 -4.13 0.20 20.93
C ASN A 44 -2.64 -0.09 20.63
N LYS A 45 -1.94 0.97 20.22
CA LYS A 45 -0.50 0.99 20.04
C LYS A 45 0.21 0.41 21.25
N CYS A 46 1.34 -0.27 21.01
CA CYS A 46 2.01 -0.94 22.13
C CYS A 46 2.73 0.01 23.07
N GLU A 47 3.22 1.15 22.56
CA GLU A 47 3.93 2.18 23.33
C GLU A 47 5.29 1.74 23.86
N ILE A 48 5.87 0.65 23.33
CA ILE A 48 7.21 0.24 23.75
C ILE A 48 8.28 1.20 23.25
N CYS A 49 7.96 1.99 22.22
CA CYS A 49 8.85 3.00 21.67
C CYS A 49 8.68 4.37 22.34
N THR A 50 8.13 4.38 23.55
CA THR A 50 7.90 5.63 24.25
C THR A 50 9.20 6.40 24.45
N VAL A 51 9.14 7.70 24.19
CA VAL A 51 10.19 8.64 24.53
C VAL A 51 9.51 9.86 25.14
N GLU A 52 10.30 10.79 25.69
CA GLU A 52 9.79 12.05 26.21
C GLU A 52 10.13 13.17 25.22
N VAL A 53 9.13 13.96 24.86
CA VAL A 53 9.33 15.21 24.12
C VAL A 53 9.01 16.32 25.10
N GLU A 54 10.01 17.13 25.45
CA GLU A 54 9.80 18.19 26.42
C GLU A 54 8.69 19.11 25.94
N GLY A 55 7.80 19.49 26.87
CA GLY A 55 6.67 20.31 26.55
C GLY A 55 5.47 19.53 26.09
N THR A 56 5.67 18.28 25.68
CA THR A 56 4.59 17.42 25.24
C THR A 56 4.34 16.28 26.20
N GLY A 57 5.39 15.64 26.70
CA GLY A 57 5.24 14.46 27.52
C GLY A 57 5.70 13.21 26.81
N LEU A 58 5.13 12.08 27.23
CA LEU A 58 5.47 10.81 26.61
C LEU A 58 4.78 10.66 25.27
N VAL A 59 5.54 10.31 24.23
CA VAL A 59 5.02 10.10 22.89
C VAL A 59 5.63 8.80 22.38
N THR A 60 5.00 8.24 21.35
CA THR A 60 5.50 7.04 20.70
C THR A 60 6.44 7.45 19.58
N ALA A 61 7.70 7.05 19.69
CA ALA A 61 8.71 7.48 18.72
C ALA A 61 8.48 6.88 17.33
N CYS A 62 7.82 5.72 17.25
CA CYS A 62 7.74 5.04 15.95
C CYS A 62 6.77 5.70 14.99
N ASP A 63 5.92 6.61 15.47
CA ASP A 63 4.93 7.23 14.61
C ASP A 63 4.80 8.72 14.87
N THR A 64 5.86 9.34 15.39
CA THR A 64 5.89 10.78 15.61
C THR A 64 6.98 11.36 14.71
N LEU A 65 6.61 12.23 13.79
CA LEU A 65 7.58 12.85 12.92
C LEU A 65 8.39 13.86 13.72
N ILE A 66 9.69 13.94 13.43
CA ILE A 66 10.53 14.93 14.08
C ILE A 66 10.09 16.32 13.62
N GLU A 67 10.20 17.29 14.53
CA GLU A 67 9.80 18.68 14.28
C GLU A 67 10.88 19.58 14.84
N ASP A 68 11.11 20.70 14.13
CA ASP A 68 12.04 21.70 14.63
C ASP A 68 11.72 22.07 16.09
N GLY A 69 12.75 22.11 16.92
CA GLY A 69 12.57 22.47 18.31
C GLY A 69 12.38 21.32 19.28
N MET A 70 12.17 20.09 18.82
CA MET A 70 11.94 19.04 19.80
C MET A 70 13.20 18.77 20.62
N ILE A 71 12.98 18.54 21.91
CA ILE A 71 13.99 18.10 22.86
C ILE A 71 13.51 16.76 23.39
N ILE A 72 14.23 15.70 23.04
CA ILE A 72 13.76 14.32 23.20
C ILE A 72 14.67 13.64 24.20
N ASN A 73 14.08 12.90 25.13
CA ASN A 73 14.83 12.04 26.04
C ASN A 73 14.30 10.63 25.90
N THR A 74 15.20 9.71 25.61
CA THR A 74 14.83 8.34 25.32
C THR A 74 15.01 7.38 26.48
N ASN A 75 15.58 7.84 27.60
CA ASN A 75 15.94 6.89 28.64
C ASN A 75 15.74 7.44 30.05
N SER A 76 14.76 8.32 30.22
CA SER A 76 14.44 8.85 31.53
C SER A 76 13.75 7.77 32.37
N ASP A 77 13.79 7.95 33.68
CA ASP A 77 13.10 7.01 34.57
C ASP A 77 11.63 6.85 34.16
N ALA A 78 10.98 7.98 33.84
CA ALA A 78 9.57 7.94 33.47
C ALA A 78 9.34 7.14 32.19
N VAL A 79 10.20 7.33 31.19
CA VAL A 79 10.11 6.54 29.96
C VAL A 79 10.25 5.05 30.29
N ASN A 80 11.26 4.70 31.07
CA ASN A 80 11.52 3.29 31.25
C ASN A 80 10.44 2.62 32.09
N GLU A 81 9.85 3.36 33.04
CA GLU A 81 8.75 2.76 33.80
C GLU A 81 7.51 2.56 32.93
N LYS A 82 7.25 3.48 31.99
CA LYS A 82 6.14 3.28 31.05
C LYS A 82 6.34 2.00 30.23
N ILE A 83 7.54 1.84 29.65
CA ILE A 83 7.77 0.70 28.76
C ILE A 83 7.72 -0.60 29.57
N LYS A 84 8.39 -0.63 30.71
CA LYS A 84 8.34 -1.81 31.57
C LYS A 84 6.89 -2.15 31.94
N SER A 85 6.10 -1.12 32.24
CA SER A 85 4.69 -1.36 32.59
C SER A 85 3.93 -1.98 31.43
N ARG A 86 4.21 -1.54 30.19
CA ARG A 86 3.50 -2.08 29.03
C ARG A 86 3.89 -3.54 28.80
N ILE A 87 5.16 -3.85 29.03
CA ILE A 87 5.60 -5.24 28.87
C ILE A 87 4.98 -6.12 29.94
N SER A 88 4.92 -5.59 31.17
CA SER A 88 4.29 -6.33 32.26
C SER A 88 2.82 -6.61 31.95
N GLN A 89 2.13 -5.63 31.39
CA GLN A 89 0.74 -5.83 30.99
C GLN A 89 0.59 -6.90 29.91
N LEU A 90 1.53 -6.95 28.95
CA LEU A 90 1.52 -8.03 27.98
C LEU A 90 1.82 -9.39 28.61
N LEU A 91 2.72 -9.43 29.58
CA LEU A 91 2.98 -10.71 30.26
C LEU A 91 1.72 -11.24 30.93
N ASP A 92 0.82 -10.33 31.35
CA ASP A 92 -0.43 -10.78 31.97
C ASP A 92 -1.33 -11.55 31.02
N ILE A 93 -1.11 -11.46 29.71
CA ILE A 93 -1.88 -12.21 28.73
C ILE A 93 -0.98 -13.12 27.89
N HIS A 94 0.20 -13.49 28.42
CA HIS A 94 1.18 -14.27 27.70
C HIS A 94 1.59 -15.49 28.50
N GLU A 95 1.41 -16.67 27.92
CA GLU A 95 1.85 -17.92 28.54
C GLU A 95 3.37 -17.96 28.41
N PHE A 96 4.05 -17.53 29.47
CA PHE A 96 5.49 -17.30 29.47
C PHE A 96 6.20 -18.58 29.85
N LYS A 97 6.32 -19.50 28.87
CA LYS A 97 6.86 -20.85 29.09
C LYS A 97 7.78 -21.12 27.90
N CYS A 98 8.96 -20.53 27.93
CA CYS A 98 9.81 -20.54 26.73
C CYS A 98 10.48 -21.89 26.48
N GLY A 99 10.59 -22.74 27.49
CA GLY A 99 11.29 -24.00 27.35
C GLY A 99 10.86 -24.80 26.13
N PRO A 100 9.57 -25.13 26.06
CA PRO A 100 9.05 -25.86 24.90
C PRO A 100 8.56 -24.99 23.75
N CYS A 101 8.84 -23.70 23.80
CA CYS A 101 8.27 -22.80 22.81
C CYS A 101 9.07 -22.80 21.53
N ASN A 102 8.37 -22.76 20.40
CA ASN A 102 9.09 -22.85 19.13
C ASN A 102 9.78 -21.54 18.74
N ARG A 103 9.66 -20.48 19.53
CA ARG A 103 10.45 -19.27 19.30
C ARG A 103 11.50 -19.04 20.40
N ARG A 104 11.75 -20.06 21.24
CA ARG A 104 12.63 -19.93 22.39
C ARG A 104 13.93 -19.22 22.05
N GLU A 105 14.50 -19.54 20.88
CA GLU A 105 15.86 -19.11 20.55
C GLU A 105 15.91 -17.78 19.81
N ASN A 106 14.77 -17.21 19.38
CA ASN A 106 14.82 -16.00 18.59
C ASN A 106 13.53 -15.18 18.74
N CYS A 107 13.06 -15.01 19.97
CA CYS A 107 11.80 -14.32 20.25
C CYS A 107 12.06 -12.85 20.58
N GLU A 108 11.34 -11.95 19.90
CA GLU A 108 11.51 -10.52 20.16
C GLU A 108 10.93 -10.12 21.51
N PHE A 109 9.85 -10.78 21.92
CA PHE A 109 9.23 -10.41 23.19
C PHE A 109 10.10 -10.81 24.36
N LEU A 110 10.69 -12.01 24.30
CA LEU A 110 11.57 -12.43 25.38
C LEU A 110 12.73 -11.45 25.52
N LYS A 111 13.28 -10.98 24.39
CA LYS A 111 14.38 -10.04 24.48
C LYS A 111 13.95 -8.78 25.24
N LEU A 112 12.72 -8.30 25.02
CA LEU A 112 12.24 -7.12 25.72
C LEU A 112 11.98 -7.42 27.20
N VAL A 113 11.39 -8.57 27.48
CA VAL A 113 11.14 -8.94 28.88
C VAL A 113 12.47 -8.97 29.64
N ILE A 114 13.53 -9.45 28.98
CA ILE A 114 14.86 -9.48 29.58
C ILE A 114 15.41 -8.06 29.74
N LYS A 115 15.34 -7.26 28.67
CA LYS A 115 15.91 -5.93 28.69
C LYS A 115 15.32 -5.11 29.82
N TYR A 116 14.00 -5.14 29.98
CA TYR A 116 13.31 -4.30 30.95
C TYR A 116 13.02 -4.99 32.27
N LYS A 117 13.42 -6.25 32.44
CA LYS A 117 13.24 -6.97 33.69
C LYS A 117 11.77 -7.03 34.11
N ALA A 118 10.87 -7.20 33.15
CA ALA A 118 9.46 -7.13 33.44
C ALA A 118 8.93 -8.44 33.96
N ARG A 119 7.87 -8.37 34.76
CA ARG A 119 7.24 -9.61 35.17
C ARG A 119 5.73 -9.34 35.31
N ALA A 120 4.98 -10.39 35.08
CA ALA A 120 3.53 -10.29 35.11
C ALA A 120 3.04 -9.91 36.51
N SER A 121 1.94 -9.18 36.55
CA SER A 121 1.21 -9.01 37.81
C SER A 121 0.59 -10.33 38.26
N LYS A 122 0.15 -11.17 37.32
CA LYS A 122 -0.41 -12.50 37.57
C LYS A 122 0.05 -13.42 36.45
N PRO A 123 0.70 -14.55 36.73
CA PRO A 123 1.10 -15.42 35.62
C PRO A 123 -0.12 -15.88 34.84
N PHE A 124 -0.03 -15.81 33.53
CA PHE A 124 -1.08 -16.27 32.64
C PHE A 124 -0.83 -17.75 32.37
N LEU A 125 -1.72 -18.59 32.89
CA LEU A 125 -1.58 -20.05 32.81
C LEU A 125 -2.85 -20.60 32.16
N PRO A 126 -3.03 -20.38 30.87
CA PRO A 126 -4.26 -20.84 30.22
C PRO A 126 -4.44 -22.33 30.38
N LYS A 127 -5.69 -22.73 30.65
CA LYS A 127 -6.00 -24.11 30.97
C LYS A 127 -6.64 -24.86 29.82
N ASP A 128 -7.25 -24.18 28.85
CA ASP A 128 -7.91 -24.84 27.72
C ASP A 128 -7.25 -24.35 26.43
N LYS A 129 -6.02 -24.78 26.18
CA LYS A 129 -5.34 -24.29 24.99
C LYS A 129 -6.05 -24.76 23.72
N THR A 130 -6.93 -25.76 23.81
CA THR A 130 -7.76 -26.10 22.67
C THR A 130 -8.63 -24.92 22.23
N GLU A 131 -9.02 -24.05 23.17
CA GLU A 131 -9.76 -22.84 22.85
C GLU A 131 -8.89 -21.72 22.28
N TYR A 132 -7.65 -21.60 22.75
CA TYR A 132 -6.78 -20.53 22.28
C TYR A 132 -6.08 -20.88 20.99
N VAL A 133 -6.05 -22.15 20.64
CA VAL A 133 -5.29 -22.66 19.50
C VAL A 133 -6.28 -22.98 18.40
N ASP A 134 -5.96 -22.54 17.20
CA ASP A 134 -6.74 -22.87 16.02
C ASP A 134 -5.78 -23.59 15.09
N GLU A 135 -5.88 -24.91 15.04
CA GLU A 135 -5.10 -25.74 14.14
C GLU A 135 -5.95 -26.32 13.01
N ARG A 136 -7.10 -25.70 12.69
CA ARG A 136 -7.97 -26.24 11.65
C ARG A 136 -7.33 -26.17 10.27
N SER A 137 -6.51 -25.17 10.02
CA SER A 137 -5.93 -24.94 8.70
C SER A 137 -4.94 -26.03 8.33
N LYS A 138 -4.84 -26.32 7.03
CA LYS A 138 -3.77 -27.20 6.58
C LYS A 138 -2.41 -26.52 6.60
N SER A 139 -2.35 -25.17 6.75
CA SER A 139 -1.11 -24.43 6.58
C SER A 139 -0.69 -23.60 7.79
N LEU A 140 -1.64 -22.96 8.47
CA LEU A 140 -1.34 -22.03 9.55
C LEU A 140 -1.88 -22.56 10.86
N THR A 141 -1.21 -22.21 11.94
CA THR A 141 -1.70 -22.49 13.29
C THR A 141 -1.62 -21.21 14.10
N VAL A 142 -2.71 -20.88 14.80
CA VAL A 142 -2.76 -19.72 15.70
C VAL A 142 -2.71 -20.23 17.14
N ASP A 143 -1.80 -19.68 17.95
CA ASP A 143 -1.75 -19.97 19.36
C ASP A 143 -1.92 -18.67 20.13
N ARG A 144 -3.15 -18.37 20.49
CA ARG A 144 -3.40 -17.06 21.10
C ARG A 144 -2.92 -16.96 22.53
N THR A 145 -2.40 -18.05 23.13
CA THR A 145 -1.76 -17.92 24.43
C THR A 145 -0.50 -17.07 24.34
N LYS A 146 0.03 -16.88 23.15
CA LYS A 146 1.25 -16.11 22.91
C LYS A 146 1.01 -14.76 22.27
N CYS A 147 -0.22 -14.47 21.89
CA CYS A 147 -0.48 -13.30 21.04
C CYS A 147 -0.46 -12.00 21.83
N LEU A 148 0.31 -11.05 21.33
CA LEU A 148 0.45 -9.74 21.96
C LEU A 148 -0.51 -8.70 21.42
N LEU A 149 -1.36 -9.06 20.45
CA LEU A 149 -2.29 -8.12 19.80
C LEU A 149 -1.54 -6.89 19.27
N CYS A 150 -0.35 -7.13 18.70
CA CYS A 150 0.51 -6.08 18.16
C CYS A 150 0.14 -5.73 16.74
N GLY A 151 -0.71 -6.55 16.09
CA GLY A 151 -1.16 -6.25 14.75
C GLY A 151 -0.11 -6.37 13.64
N ARG A 152 1.08 -6.94 13.92
CA ARG A 152 2.07 -7.01 12.84
C ARG A 152 1.61 -7.98 11.75
N CYS A 153 0.91 -9.05 12.13
CA CYS A 153 0.41 -9.98 11.13
C CYS A 153 -0.64 -9.34 10.25
N VAL A 154 -1.52 -8.53 10.84
CA VAL A 154 -2.56 -7.81 10.09
C VAL A 154 -1.94 -6.85 9.09
N ASN A 155 -0.95 -6.06 9.56
CA ASN A 155 -0.25 -5.13 8.68
C ASN A 155 0.50 -5.86 7.58
N ALA A 156 1.17 -6.95 7.93
CA ALA A 156 1.93 -7.70 6.93
C ALA A 156 1.01 -8.34 5.92
N CYS A 157 -0.12 -8.88 6.35
CA CYS A 157 -1.08 -9.41 5.39
C CYS A 157 -1.53 -8.32 4.41
N GLY A 158 -1.88 -7.15 4.94
CA GLY A 158 -2.32 -6.07 4.06
C GLY A 158 -1.26 -5.66 3.05
N LYS A 159 -0.03 -5.50 3.51
CA LYS A 159 1.02 -5.01 2.62
C LYS A 159 1.46 -6.07 1.62
N ASN A 160 1.53 -7.34 2.08
CA ASN A 160 2.07 -8.38 1.24
C ASN A 160 1.04 -8.96 0.28
N THR A 161 -0.23 -8.99 0.70
CA THR A 161 -1.29 -9.57 -0.12
C THR A 161 -2.46 -8.66 -0.45
N GLU A 162 -2.69 -7.59 0.31
CA GLU A 162 -3.87 -6.75 0.21
C GLU A 162 -5.19 -7.51 0.40
N THR A 163 -5.14 -8.78 0.86
CA THR A 163 -6.39 -9.49 1.13
C THR A 163 -7.02 -9.09 2.47
N TYR A 164 -6.20 -8.72 3.45
CA TYR A 164 -6.62 -8.50 4.83
C TYR A 164 -7.36 -9.72 5.35
N ALA A 165 -6.91 -10.90 4.88
CA ALA A 165 -7.44 -12.15 5.40
C ALA A 165 -7.18 -12.33 6.88
N MET A 166 -6.10 -11.73 7.42
CA MET A 166 -5.86 -11.69 8.85
C MET A 166 -6.43 -10.40 9.42
N LYS A 167 -7.24 -10.54 10.49
CA LYS A 167 -8.03 -9.42 10.99
C LYS A 167 -8.05 -9.41 12.50
N PHE A 168 -8.28 -8.24 13.08
CA PHE A 168 -8.76 -8.17 14.44
C PHE A 168 -10.26 -8.54 14.47
N LEU A 169 -10.65 -9.30 15.47
CA LEU A 169 -12.01 -9.78 15.64
C LEU A 169 -12.44 -9.49 17.06
N ASN A 170 -13.73 -9.28 17.26
CA ASN A 170 -14.32 -9.16 18.60
C ASN A 170 -14.96 -10.51 18.91
N LYS A 171 -14.35 -11.26 19.85
CA LYS A 171 -14.86 -12.57 20.26
C LYS A 171 -15.31 -12.47 21.71
N ASN A 172 -16.61 -12.44 21.92
CA ASN A 172 -17.19 -12.32 23.25
C ASN A 172 -16.62 -11.12 24.01
N GLY A 173 -16.55 -9.98 23.34
CA GLY A 173 -16.09 -8.78 23.98
C GLY A 173 -14.60 -8.66 24.21
N LYS A 174 -13.80 -9.59 23.72
CA LYS A 174 -12.35 -9.48 23.81
C LYS A 174 -11.78 -9.50 22.40
N THR A 175 -10.66 -8.82 22.22
CA THR A 175 -10.04 -8.76 20.90
C THR A 175 -9.13 -9.97 20.68
N ILE A 176 -9.26 -10.57 19.49
CA ILE A 176 -8.39 -11.62 18.99
C ILE A 176 -7.96 -11.24 17.58
N ILE A 177 -6.95 -11.92 17.08
CA ILE A 177 -6.71 -11.96 15.64
C ILE A 177 -7.18 -13.32 15.10
N GLY A 178 -7.59 -13.31 13.84
CA GLY A 178 -8.04 -14.52 13.18
C GLY A 178 -8.55 -14.18 11.81
N ALA A 179 -9.27 -15.14 11.24
CA ALA A 179 -9.76 -15.02 9.87
C ALA A 179 -11.16 -14.46 9.89
N GLU A 180 -11.66 -14.08 8.71
CA GLU A 180 -13.01 -13.54 8.62
C GLU A 180 -14.00 -14.48 9.31
N ASP A 181 -14.86 -13.90 10.16
CA ASP A 181 -15.90 -14.61 10.91
C ASP A 181 -15.35 -15.77 11.75
N GLU A 182 -14.09 -15.70 12.12
CA GLU A 182 -13.41 -16.73 12.90
C GLU A 182 -13.49 -18.08 12.22
N LYS A 183 -13.52 -18.07 10.89
CA LYS A 183 -13.50 -19.29 10.08
C LYS A 183 -12.10 -19.89 10.07
N CYS A 184 -12.04 -21.15 9.63
CA CYS A 184 -10.77 -21.71 9.25
C CYS A 184 -10.20 -20.89 8.09
N PHE A 185 -8.91 -20.52 8.22
CA PHE A 185 -8.30 -19.65 7.20
C PHE A 185 -8.53 -20.21 5.81
N ASP A 186 -8.43 -21.55 5.66
CA ASP A 186 -8.52 -22.19 4.35
C ASP A 186 -9.83 -21.91 3.67
N ASP A 187 -10.88 -21.70 4.45
CA ASP A 187 -12.23 -21.42 3.96
C ASP A 187 -12.47 -19.93 3.71
N THR A 188 -11.42 -19.10 3.73
CA THR A 188 -11.54 -17.69 3.45
C THR A 188 -10.65 -17.35 2.25
N ASN A 189 -10.57 -16.06 1.93
CA ASN A 189 -9.74 -15.66 0.79
C ASN A 189 -8.24 -15.70 1.10
N CYS A 190 -7.86 -16.07 2.32
CA CYS A 190 -6.47 -16.29 2.69
C CYS A 190 -5.72 -17.09 1.62
N LEU A 191 -4.49 -16.65 1.32
CA LEU A 191 -3.61 -17.35 0.37
C LEU A 191 -2.75 -18.41 1.02
N LEU A 192 -2.73 -18.48 2.35
CA LEU A 192 -1.95 -19.43 3.14
C LEU A 192 -0.45 -19.26 2.89
N CYS A 193 -0.06 -18.04 2.52
CA CYS A 193 1.33 -17.71 2.21
C CYS A 193 2.21 -17.57 3.44
N GLY A 194 1.63 -17.41 4.62
CA GLY A 194 2.39 -17.34 5.85
C GLY A 194 3.20 -16.09 6.08
N GLN A 195 2.95 -15.02 5.31
CA GLN A 195 3.68 -13.77 5.60
C GLN A 195 3.32 -13.19 6.98
N CYS A 196 2.11 -13.47 7.46
CA CYS A 196 1.72 -13.12 8.82
C CYS A 196 2.64 -13.79 9.85
N ILE A 197 3.01 -15.07 9.62
CA ILE A 197 3.91 -15.76 10.52
C ILE A 197 5.26 -15.05 10.56
N ILE A 198 5.80 -14.70 9.39
CA ILE A 198 7.12 -14.08 9.33
C ILE A 198 7.12 -12.76 10.09
N ALA A 199 6.00 -12.03 10.08
CA ALA A 199 5.92 -10.79 10.81
C ALA A 199 5.75 -10.94 12.31
N CYS A 200 5.41 -12.09 12.78
CA CYS A 200 5.00 -12.25 14.17
C CYS A 200 6.24 -12.29 15.07
N PRO A 201 6.27 -11.50 16.13
CA PRO A 201 7.46 -11.42 16.98
C PRO A 201 7.55 -12.54 17.98
N VAL A 202 6.53 -13.38 18.06
CA VAL A 202 6.43 -14.39 19.10
C VAL A 202 5.97 -15.67 18.44
N ALA A 203 5.58 -16.67 19.27
CA ALA A 203 5.18 -17.97 18.75
C ALA A 203 3.66 -18.06 18.55
N ALA A 204 2.99 -16.92 18.40
CA ALA A 204 1.53 -16.97 18.28
C ALA A 204 1.06 -17.46 16.92
N LEU A 205 1.82 -17.18 15.86
CA LEU A 205 1.52 -17.71 14.54
C LEU A 205 2.62 -18.68 14.16
N SER A 206 2.23 -19.83 13.66
CA SER A 206 3.18 -20.85 13.27
C SER A 206 2.64 -21.56 12.04
N GLU A 207 3.50 -22.37 11.42
CA GLU A 207 3.00 -23.32 10.45
C GLU A 207 2.17 -24.41 11.12
N LYS A 208 1.26 -24.99 10.34
CA LYS A 208 0.60 -26.21 10.76
C LYS A 208 1.62 -27.35 10.80
N SER A 209 1.83 -27.93 11.98
CA SER A 209 2.91 -28.90 12.14
C SER A 209 2.64 -30.17 11.35
N HIS A 210 3.64 -30.61 10.60
CA HIS A 210 3.66 -31.99 10.09
C HIS A 210 4.74 -32.84 10.76
N MET A 211 5.30 -32.40 11.88
CA MET A 211 6.42 -33.12 12.45
C MET A 211 6.02 -34.50 12.94
N ASP A 212 4.79 -34.66 13.44
CA ASP A 212 4.34 -35.98 13.85
C ASP A 212 4.09 -36.90 12.65
N ARG A 213 3.56 -36.37 11.54
CA ARG A 213 3.45 -37.18 10.33
C ARG A 213 4.81 -37.75 9.96
N VAL A 214 5.84 -36.91 10.02
CA VAL A 214 7.17 -37.32 9.56
C VAL A 214 7.78 -38.30 10.55
N LYS A 215 7.73 -37.96 11.85
CA LYS A 215 8.33 -38.83 12.86
C LYS A 215 7.66 -40.20 12.86
N ASN A 216 6.33 -40.21 12.73
CA ASN A 216 5.62 -41.49 12.73
C ASN A 216 5.99 -42.32 11.52
N ALA A 217 6.23 -41.68 10.37
CA ALA A 217 6.61 -42.44 9.18
C ALA A 217 8.04 -42.95 9.31
N LEU A 218 8.95 -42.12 9.80
CA LEU A 218 10.32 -42.57 10.02
C LEU A 218 10.35 -43.77 10.94
N ASN A 219 9.53 -43.76 12.00
CA ASN A 219 9.57 -44.84 12.98
C ASN A 219 8.75 -46.06 12.57
N ALA A 220 7.86 -45.92 11.62
CA ALA A 220 7.12 -47.07 11.12
C ALA A 220 8.04 -48.05 10.38
N PRO A 221 8.09 -49.31 10.79
CA PRO A 221 9.08 -50.21 10.18
C PRO A 221 8.89 -50.40 8.69
N GLU A 222 7.65 -50.44 8.22
CA GLU A 222 7.39 -50.74 6.83
C GLU A 222 7.40 -49.52 5.90
N LYS A 223 7.50 -48.30 6.43
CA LYS A 223 7.51 -47.10 5.60
C LYS A 223 8.94 -46.82 5.13
N HIS A 224 9.05 -46.49 3.86
CA HIS A 224 10.28 -46.05 3.24
C HIS A 224 10.12 -44.55 3.00
N VAL A 225 10.86 -43.73 3.75
CA VAL A 225 10.58 -42.30 3.82
C VAL A 225 11.55 -41.57 2.90
N ILE A 226 11.02 -41.02 1.81
CA ILE A 226 11.77 -40.17 0.88
C ILE A 226 11.74 -38.74 1.39
N VAL A 227 12.84 -38.01 1.28
CA VAL A 227 12.79 -36.58 1.59
C VAL A 227 13.44 -35.81 0.46
N ALA A 228 12.92 -34.62 0.17
CA ALA A 228 13.46 -33.76 -0.88
C ALA A 228 13.24 -32.31 -0.50
N MET A 229 14.26 -31.48 -0.60
N MET A 229 14.27 -31.48 -0.56
CA MET A 229 14.18 -30.10 -0.16
CA MET A 229 14.12 -30.09 -0.14
C MET A 229 14.01 -29.14 -1.33
C MET A 229 13.91 -29.19 -1.35
N ALA A 230 13.24 -28.07 -1.09
CA ALA A 230 13.07 -27.00 -2.04
C ALA A 230 14.37 -26.26 -2.33
N PRO A 231 14.42 -25.57 -3.47
CA PRO A 231 15.61 -24.76 -3.75
C PRO A 231 16.03 -23.88 -2.59
N SER A 232 15.08 -23.20 -1.95
CA SER A 232 15.42 -22.13 -1.00
C SER A 232 15.99 -22.65 0.31
N VAL A 233 15.75 -23.90 0.67
CA VAL A 233 16.16 -24.39 1.99
C VAL A 233 17.67 -24.32 2.12
N ARG A 234 18.41 -24.71 1.07
CA ARG A 234 19.86 -24.76 1.15
C ARG A 234 20.52 -23.40 1.24
N ALA A 235 19.77 -22.34 1.02
CA ALA A 235 20.27 -21.00 1.10
C ALA A 235 19.84 -20.29 2.36
N SER A 236 19.15 -20.95 3.28
N SER A 236 19.17 -20.97 3.28
CA SER A 236 18.61 -20.22 4.43
CA SER A 236 18.52 -20.29 4.39
C SER A 236 18.66 -20.96 5.75
C SER A 236 18.69 -20.96 5.74
N ILE A 237 18.63 -22.30 5.77
CA ILE A 237 18.50 -23.01 7.04
C ILE A 237 19.74 -22.79 7.94
N GLY A 238 20.91 -22.53 7.34
CA GLY A 238 22.09 -22.26 8.15
C GLY A 238 21.94 -21.09 9.07
N GLU A 239 21.04 -20.15 8.73
CA GLU A 239 20.79 -19.00 9.59
C GLU A 239 20.38 -19.40 10.99
N LEU A 240 19.67 -20.52 11.13
CA LEU A 240 19.17 -20.98 12.41
C LEU A 240 20.20 -21.79 13.19
N PHE A 241 21.40 -21.98 12.64
CA PHE A 241 22.53 -22.60 13.32
C PHE A 241 23.69 -21.62 13.44
N ASN A 242 23.35 -20.34 13.41
CA ASN A 242 24.28 -19.25 13.66
C ASN A 242 25.43 -19.25 12.65
N MET A 243 25.20 -19.71 11.43
CA MET A 243 26.24 -19.72 10.40
C MET A 243 26.31 -18.43 9.58
N GLY A 244 25.43 -17.49 9.82
CA GLY A 244 25.38 -16.27 9.03
C GLY A 244 24.35 -16.36 7.93
N PHE A 245 24.38 -15.35 7.08
CA PHE A 245 23.42 -15.19 5.99
C PHE A 245 24.08 -15.48 4.65
N GLY A 246 23.31 -16.07 3.73
CA GLY A 246 23.82 -16.39 2.41
C GLY A 246 24.81 -17.54 2.35
N VAL A 247 24.74 -18.49 3.27
CA VAL A 247 25.64 -19.63 3.28
C VAL A 247 24.97 -20.80 2.55
N ASP A 248 25.67 -21.36 1.57
CA ASP A 248 25.23 -22.58 0.90
C ASP A 248 25.50 -23.77 1.78
N VAL A 249 24.44 -24.39 2.30
CA VAL A 249 24.63 -25.55 3.17
C VAL A 249 24.02 -26.83 2.60
N THR A 250 23.93 -26.90 1.26
CA THR A 250 23.31 -28.04 0.59
C THR A 250 23.86 -29.38 1.10
N GLY A 251 25.19 -29.53 1.09
CA GLY A 251 25.78 -30.80 1.46
C GLY A 251 25.58 -31.16 2.91
N LYS A 252 25.49 -30.15 3.78
CA LYS A 252 25.23 -30.40 5.20
C LYS A 252 23.80 -30.88 5.41
N ILE A 253 22.86 -30.37 4.61
CA ILE A 253 21.49 -30.82 4.75
C ILE A 253 21.36 -32.28 4.35
N TYR A 254 22.00 -32.69 3.24
CA TYR A 254 21.93 -34.09 2.85
C TYR A 254 22.43 -35.00 3.98
N THR A 255 23.51 -34.60 4.67
CA THR A 255 24.05 -35.41 5.75
C THR A 255 23.09 -35.42 6.94
N ALA A 256 22.53 -34.26 7.27
CA ALA A 256 21.61 -34.18 8.40
C ALA A 256 20.36 -35.03 8.16
N LEU A 257 19.87 -35.07 6.91
CA LEU A 257 18.67 -35.84 6.63
C LEU A 257 18.95 -37.34 6.83
N ARG A 258 20.09 -37.79 6.35
CA ARG A 258 20.48 -39.17 6.58
C ARG A 258 20.61 -39.47 8.06
N GLN A 259 21.21 -38.56 8.83
CA GLN A 259 21.34 -38.76 10.27
C GLN A 259 20.00 -38.76 10.98
N LEU A 260 18.98 -38.11 10.41
CA LEU A 260 17.64 -38.15 10.97
C LEU A 260 16.90 -39.43 10.65
N GLY A 261 17.45 -40.28 9.80
CA GLY A 261 16.87 -41.57 9.47
C GLY A 261 16.03 -41.66 8.22
N PHE A 262 15.98 -40.60 7.39
CA PHE A 262 15.28 -40.71 6.13
C PHE A 262 15.95 -41.78 5.27
N ASP A 263 15.14 -42.47 4.46
CA ASP A 263 15.60 -43.64 3.73
C ASP A 263 16.13 -43.34 2.33
N LYS A 264 15.73 -42.22 1.73
CA LYS A 264 16.24 -41.81 0.44
C LYS A 264 16.29 -40.29 0.42
N ILE A 265 17.37 -39.75 -0.13
CA ILE A 265 17.64 -38.32 -0.13
C ILE A 265 17.57 -37.86 -1.58
N PHE A 266 16.48 -37.19 -1.93
CA PHE A 266 16.30 -36.66 -3.26
C PHE A 266 16.29 -35.12 -3.16
N ASP A 267 15.81 -34.44 -4.20
CA ASP A 267 15.85 -32.98 -4.17
C ASP A 267 14.70 -32.44 -5.01
N ILE A 268 13.99 -31.43 -4.49
CA ILE A 268 12.88 -30.87 -5.27
C ILE A 268 13.40 -30.13 -6.50
N ASN A 269 14.68 -29.79 -6.54
CA ASN A 269 15.21 -29.18 -7.74
C ASN A 269 15.14 -30.12 -8.94
N PHE A 270 15.16 -31.44 -8.70
CA PHE A 270 14.87 -32.39 -9.76
C PHE A 270 13.44 -32.24 -10.25
N GLY A 271 12.49 -32.09 -9.30
CA GLY A 271 11.13 -31.79 -9.68
C GLY A 271 11.00 -30.49 -10.43
N ALA A 272 11.80 -29.48 -10.06
CA ALA A 272 11.77 -28.21 -10.78
C ALA A 272 12.16 -28.43 -12.24
N ASP A 273 13.18 -29.25 -12.48
CA ASP A 273 13.52 -29.57 -13.86
C ASP A 273 12.39 -30.30 -14.56
N MET A 274 11.68 -31.20 -13.85
CA MET A 274 10.53 -31.84 -14.45
C MET A 274 9.44 -30.83 -14.82
N THR A 275 9.13 -29.92 -13.90
CA THR A 275 8.14 -28.89 -14.18
C THR A 275 8.54 -28.10 -15.43
N ILE A 276 9.81 -27.72 -15.56
CA ILE A 276 10.25 -27.00 -16.76
C ILE A 276 10.06 -27.87 -18.00
N MET A 277 10.43 -29.15 -17.93
N MET A 277 10.43 -29.15 -17.93
CA MET A 277 10.22 -30.02 -19.07
CA MET A 277 10.21 -30.03 -19.08
C MET A 277 8.78 -29.93 -19.58
C MET A 277 8.77 -29.92 -19.58
N GLU A 278 7.81 -30.04 -18.67
CA GLU A 278 6.41 -30.02 -19.05
C GLU A 278 5.97 -28.60 -19.45
N GLU A 279 6.37 -27.58 -18.68
CA GLU A 279 5.82 -26.24 -18.86
C GLU A 279 6.45 -25.53 -20.05
N ALA A 280 7.76 -25.72 -20.26
CA ALA A 280 8.36 -25.19 -21.49
C ALA A 280 7.75 -25.87 -22.72
N THR A 281 7.48 -27.16 -22.65
CA THR A 281 6.80 -27.80 -23.78
C THR A 281 5.43 -27.20 -24.00
N GLU A 282 4.68 -26.97 -22.91
CA GLU A 282 3.37 -26.35 -23.02
C GLU A 282 3.46 -24.94 -23.62
N LEU A 283 4.47 -24.15 -23.22
CA LEU A 283 4.62 -22.81 -23.76
C LEU A 283 4.89 -22.85 -25.26
N VAL A 284 5.71 -23.80 -25.70
CA VAL A 284 5.95 -23.93 -27.14
C VAL A 284 4.66 -24.34 -27.86
N GLN A 285 3.90 -25.27 -27.28
CA GLN A 285 2.60 -25.62 -27.84
C GLN A 285 1.70 -24.39 -27.96
N ARG A 286 1.70 -23.53 -26.94
CA ARG A 286 0.81 -22.36 -27.03
C ARG A 286 1.32 -21.37 -28.06
N ILE A 287 2.63 -21.23 -28.20
CA ILE A 287 3.17 -20.37 -29.24
C ILE A 287 2.75 -20.88 -30.60
N GLU A 288 2.74 -22.19 -30.78
CA GLU A 288 2.34 -22.77 -32.06
C GLU A 288 0.85 -22.59 -32.31
N ASN A 289 0.03 -22.60 -31.27
CA ASN A 289 -1.41 -22.42 -31.42
C ASN A 289 -1.86 -20.98 -31.28
N ASN A 290 -0.92 -20.03 -31.18
CA ASN A 290 -1.25 -18.62 -30.95
C ASN A 290 -2.09 -18.46 -29.67
N GLY A 291 -1.78 -19.28 -28.66
CA GLY A 291 -2.43 -19.16 -27.38
C GLY A 291 -2.96 -20.49 -26.88
N PRO A 292 -3.82 -20.43 -25.86
CA PRO A 292 -4.33 -19.24 -25.17
C PRO A 292 -3.26 -18.48 -24.41
N PHE A 293 -3.27 -17.17 -24.56
CA PHE A 293 -2.34 -16.30 -23.87
C PHE A 293 -3.09 -15.34 -22.95
N PRO A 294 -2.48 -14.89 -21.86
CA PRO A 294 -1.17 -15.31 -21.36
C PRO A 294 -1.23 -16.69 -20.71
N MET A 295 -0.14 -17.46 -20.76
CA MET A 295 -0.03 -18.60 -19.87
C MET A 295 0.57 -18.10 -18.55
N PHE A 296 -0.04 -18.46 -17.43
CA PHE A 296 0.47 -18.14 -16.12
C PHE A 296 1.13 -19.38 -15.53
N THR A 297 2.22 -19.17 -14.80
CA THR A 297 2.74 -20.29 -14.01
C THR A 297 1.70 -20.70 -12.96
N SER A 298 1.89 -21.91 -12.44
CA SER A 298 0.92 -22.52 -11.54
C SER A 298 1.60 -23.19 -10.35
N CYS A 299 2.89 -22.93 -10.14
N CYS A 299 2.89 -22.95 -10.14
N CYS A 299 2.90 -22.96 -10.15
CA CYS A 299 3.69 -23.66 -9.16
CA CYS A 299 3.67 -23.67 -9.15
CA CYS A 299 3.65 -23.68 -9.13
C CYS A 299 3.65 -23.04 -7.77
C CYS A 299 3.59 -23.07 -7.75
C CYS A 299 3.44 -23.13 -7.73
N CYS A 300 3.05 -21.87 -7.61
CA CYS A 300 2.95 -21.23 -6.30
C CYS A 300 1.54 -21.46 -5.85
N PRO A 301 1.31 -22.23 -4.77
CA PRO A 301 -0.07 -22.47 -4.35
C PRO A 301 -0.75 -21.26 -3.71
N GLY A 302 0.02 -20.29 -3.20
CA GLY A 302 -0.59 -19.02 -2.78
C GLY A 302 -1.23 -18.28 -3.94
N TRP A 303 -0.50 -18.16 -5.05
CA TRP A 303 -1.05 -17.61 -6.27
C TRP A 303 -2.23 -18.43 -6.77
N VAL A 304 -2.14 -19.78 -6.73
CA VAL A 304 -3.28 -20.56 -7.23
C VAL A 304 -4.54 -20.20 -6.42
N ARG A 305 -4.39 -20.08 -5.10
CA ARG A 305 -5.51 -19.70 -4.23
C ARG A 305 -5.99 -18.30 -4.56
N GLN A 306 -5.06 -17.40 -4.84
CA GLN A 306 -5.44 -16.03 -5.22
C GLN A 306 -6.25 -16.05 -6.51
N ALA A 307 -5.81 -16.83 -7.50
CA ALA A 307 -6.59 -16.98 -8.72
C ALA A 307 -7.93 -17.60 -8.43
N GLU A 308 -7.95 -18.69 -7.65
CA GLU A 308 -9.22 -19.31 -7.32
C GLU A 308 -10.15 -18.31 -6.66
N ASN A 309 -9.62 -17.51 -5.72
CA ASN A 309 -10.46 -16.69 -4.85
C ASN A 309 -10.86 -15.38 -5.51
N TYR A 310 -10.03 -14.83 -6.43
CA TYR A 310 -10.24 -13.48 -6.93
C TYR A 310 -10.28 -13.37 -8.46
N TYR A 311 -9.62 -14.32 -9.15
CA TYR A 311 -9.55 -14.32 -10.61
C TYR A 311 -9.84 -15.69 -11.19
N PRO A 312 -10.94 -16.31 -10.80
CA PRO A 312 -11.25 -17.66 -11.30
C PRO A 312 -11.23 -17.77 -12.82
N GLU A 313 -11.38 -16.65 -13.53
CA GLU A 313 -11.40 -16.72 -14.97
C GLU A 313 -10.01 -16.97 -15.57
N LEU A 314 -8.94 -16.79 -14.79
CA LEU A 314 -7.60 -17.06 -15.29
C LEU A 314 -7.18 -18.51 -15.10
N LEU A 315 -7.96 -19.31 -14.38
CA LEU A 315 -7.55 -20.69 -14.10
C LEU A 315 -7.29 -21.48 -15.38
N ASN A 316 -8.08 -21.25 -16.45
CA ASN A 316 -7.84 -21.99 -17.68
C ASN A 316 -6.56 -21.55 -18.38
N ASN A 317 -5.99 -20.40 -18.00
CA ASN A 317 -4.72 -19.96 -18.56
C ASN A 317 -3.52 -20.45 -17.76
N LEU A 318 -3.73 -21.02 -16.57
CA LEU A 318 -2.61 -21.59 -15.81
C LEU A 318 -1.96 -22.76 -16.55
N SER A 319 -0.64 -22.86 -16.44
CA SER A 319 0.05 -24.07 -16.92
C SER A 319 -0.53 -25.27 -16.19
N SER A 320 -0.73 -26.37 -16.93
CA SER A 320 -1.22 -27.59 -16.30
C SER A 320 -0.12 -28.44 -15.68
N ALA A 321 1.15 -28.08 -15.87
CA ALA A 321 2.23 -28.83 -15.23
C ALA A 321 2.07 -28.79 -13.71
N LYS A 322 2.27 -29.92 -13.04
CA LYS A 322 2.29 -29.86 -11.59
C LYS A 322 3.50 -29.08 -11.13
N SER A 323 3.39 -28.55 -9.92
CA SER A 323 4.49 -27.83 -9.30
C SER A 323 5.65 -28.77 -9.03
N PRO A 324 6.84 -28.23 -8.81
CA PRO A 324 7.99 -29.10 -8.52
C PRO A 324 7.70 -30.07 -7.40
N GLN A 325 7.08 -29.59 -6.32
CA GLN A 325 6.70 -30.47 -5.22
C GLN A 325 5.78 -31.61 -5.71
N GLN A 326 4.66 -31.25 -6.33
CA GLN A 326 3.63 -32.23 -6.65
C GLN A 326 4.03 -33.15 -7.81
N ILE A 327 4.79 -32.64 -8.78
CA ILE A 327 5.26 -33.44 -9.89
C ILE A 327 6.29 -34.47 -9.39
N PHE A 328 7.18 -34.05 -8.49
CA PHE A 328 8.11 -34.94 -7.83
C PHE A 328 7.36 -36.02 -7.09
N GLY A 329 6.36 -35.60 -6.29
CA GLY A 329 5.61 -36.57 -5.51
C GLY A 329 4.93 -37.59 -6.38
N THR A 330 4.31 -37.13 -7.46
CA THR A 330 3.67 -38.06 -8.39
C THR A 330 4.66 -39.09 -8.89
N ALA A 331 5.84 -38.64 -9.32
CA ALA A 331 6.86 -39.57 -9.80
C ALA A 331 7.36 -40.46 -8.67
N SER A 332 7.34 -39.97 -7.43
CA SER A 332 7.87 -40.75 -6.32
C SER A 332 7.02 -41.99 -6.02
N LYS A 333 5.77 -42.02 -6.49
CA LYS A 333 4.85 -43.12 -6.27
C LYS A 333 4.68 -44.01 -7.52
N THR A 334 5.36 -43.69 -8.61
CA THR A 334 5.15 -44.33 -9.91
C THR A 334 6.52 -44.74 -10.42
N TYR A 335 7.28 -43.76 -10.86
CA TYR A 335 8.63 -43.99 -11.35
C TYR A 335 9.55 -44.57 -10.27
N TYR A 336 9.51 -44.02 -9.07
CA TYR A 336 10.51 -44.45 -8.09
C TYR A 336 10.31 -45.92 -7.71
N PRO A 337 9.08 -46.39 -7.42
CA PRO A 337 8.91 -47.85 -7.27
C PRO A 337 9.43 -48.65 -8.46
N SER A 338 9.23 -48.16 -9.67
CA SER A 338 9.67 -48.90 -10.86
C SER A 338 11.17 -49.07 -10.95
N ILE A 339 11.95 -48.22 -10.28
CA ILE A 339 13.41 -48.31 -10.29
C ILE A 339 13.98 -48.71 -8.94
N SER A 340 13.13 -49.10 -7.99
CA SER A 340 13.62 -49.44 -6.66
C SER A 340 13.05 -50.75 -6.15
N GLY A 341 11.86 -51.14 -6.61
CA GLY A 341 11.21 -52.32 -6.04
C GLY A 341 10.33 -52.07 -4.82
N LEU A 342 10.29 -50.81 -4.32
CA LEU A 342 9.42 -50.51 -3.20
C LEU A 342 7.97 -50.73 -3.60
N ASP A 343 7.20 -51.22 -2.66
CA ASP A 343 5.75 -51.23 -2.82
C ASP A 343 5.29 -49.78 -2.77
N PRO A 344 4.59 -49.27 -3.79
CA PRO A 344 4.21 -47.84 -3.77
C PRO A 344 3.48 -47.43 -2.51
N LYS A 345 2.62 -48.30 -1.95
CA LYS A 345 1.89 -47.97 -0.73
C LYS A 345 2.81 -47.73 0.46
N ASN A 346 4.04 -48.25 0.44
CA ASN A 346 4.94 -48.06 1.56
C ASN A 346 5.87 -46.88 1.40
N VAL A 347 5.90 -46.25 0.23
CA VAL A 347 6.64 -45.03 0.07
C VAL A 347 5.92 -43.88 0.75
N PHE A 348 6.64 -43.09 1.53
CA PHE A 348 6.10 -41.94 2.25
C PHE A 348 6.97 -40.77 1.85
N THR A 349 6.39 -39.79 1.14
CA THR A 349 7.19 -38.75 0.53
C THR A 349 7.04 -37.44 1.30
N VAL A 350 8.18 -36.92 1.75
CA VAL A 350 8.28 -35.72 2.57
C VAL A 350 9.05 -34.67 1.78
N THR A 351 8.55 -33.45 1.79
CA THR A 351 9.30 -32.32 1.27
C THR A 351 9.64 -31.37 2.40
N VAL A 352 10.75 -30.66 2.21
CA VAL A 352 11.15 -29.56 3.08
C VAL A 352 11.00 -28.29 2.27
N MET A 353 10.15 -27.40 2.75
N MET A 353 10.18 -27.39 2.75
CA MET A 353 9.74 -26.24 1.99
CA MET A 353 9.83 -26.24 1.92
C MET A 353 9.96 -24.94 2.74
C MET A 353 9.92 -24.94 2.71
N PRO A 354 10.23 -23.85 2.02
CA PRO A 354 10.28 -22.52 2.68
C PRO A 354 8.87 -21.94 2.86
N CYS A 355 7.85 -22.78 2.90
CA CYS A 355 6.49 -22.37 2.55
C CYS A 355 5.41 -23.05 3.36
N THR A 356 4.41 -22.29 3.74
CA THR A 356 3.26 -22.90 4.42
C THR A 356 2.16 -23.32 3.45
N SER A 357 1.98 -22.57 2.36
N SER A 357 1.97 -22.59 2.34
CA SER A 357 0.94 -22.91 1.39
CA SER A 357 0.89 -22.96 1.41
C SER A 357 1.18 -24.30 0.80
C SER A 357 1.18 -24.28 0.70
N LYS A 358 2.45 -24.72 0.68
CA LYS A 358 2.76 -26.04 0.15
C LYS A 358 2.13 -27.15 0.96
N LYS A 359 1.81 -26.90 2.24
CA LYS A 359 1.14 -27.95 3.03
C LYS A 359 -0.29 -28.12 2.54
N PHE A 360 -0.93 -27.01 2.17
CA PHE A 360 -2.26 -27.05 1.59
C PHE A 360 -2.25 -27.73 0.23
N GLU A 361 -1.27 -27.38 -0.62
CA GLU A 361 -1.15 -28.03 -1.92
C GLU A 361 -1.01 -29.55 -1.76
N ALA A 362 -0.12 -29.98 -0.87
CA ALA A 362 0.12 -31.42 -0.69
C ALA A 362 -1.12 -32.16 -0.21
N ASP A 363 -2.00 -31.47 0.53
CA ASP A 363 -3.18 -32.12 1.09
C ASP A 363 -4.42 -31.87 0.26
N ARG A 364 -4.27 -31.36 -0.95
CA ARG A 364 -5.45 -31.18 -1.81
C ARG A 364 -6.04 -32.55 -2.14
N PRO A 365 -7.36 -32.69 -2.11
CA PRO A 365 -7.93 -34.04 -2.31
C PRO A 365 -7.51 -34.72 -3.60
N GLN A 366 -7.40 -34.01 -4.72
CA GLN A 366 -7.11 -34.64 -5.99
C GLN A 366 -5.64 -34.80 -6.29
N MET A 367 -4.77 -34.39 -5.36
CA MET A 367 -3.32 -34.56 -5.51
C MET A 367 -2.92 -35.97 -5.06
N GLU A 368 -3.53 -36.95 -5.70
CA GLU A 368 -3.26 -38.35 -5.45
C GLU A 368 -3.67 -39.14 -6.69
N LYS A 369 -3.16 -40.37 -6.76
CA LYS A 369 -3.45 -41.26 -7.89
C LYS A 369 -3.51 -42.65 -7.32
N ASP A 370 -4.60 -43.36 -7.61
CA ASP A 370 -4.80 -44.74 -7.16
C ASP A 370 -4.59 -44.88 -5.66
N GLY A 371 -5.11 -43.93 -4.90
CA GLY A 371 -5.08 -43.99 -3.46
C GLY A 371 -3.77 -43.55 -2.82
N LEU A 372 -2.77 -43.21 -3.61
CA LEU A 372 -1.47 -42.80 -3.10
C LEU A 372 -1.34 -41.28 -3.22
N ARG A 373 -1.06 -40.63 -2.12
CA ARG A 373 -0.80 -39.19 -2.14
C ARG A 373 0.47 -38.92 -2.93
N ASP A 374 0.44 -37.85 -3.72
CA ASP A 374 1.68 -37.37 -4.34
C ASP A 374 2.71 -37.12 -3.22
N ILE A 375 2.29 -36.38 -2.19
CA ILE A 375 3.14 -35.88 -1.11
C ILE A 375 2.40 -36.16 0.21
N ASP A 376 3.08 -36.88 1.12
CA ASP A 376 2.48 -37.29 2.38
C ASP A 376 2.71 -36.31 3.52
N ALA A 377 3.78 -35.53 3.47
CA ALA A 377 4.06 -34.57 4.53
C ALA A 377 4.94 -33.49 3.95
N VAL A 378 4.79 -32.27 4.48
CA VAL A 378 5.60 -31.12 4.13
C VAL A 378 6.04 -30.46 5.43
N ILE A 379 7.36 -30.30 5.62
CA ILE A 379 7.89 -29.60 6.79
C ILE A 379 8.59 -28.34 6.32
N THR A 380 8.42 -27.28 7.09
CA THR A 380 9.08 -26.05 6.70
C THR A 380 10.56 -26.08 7.03
N THR A 381 11.29 -25.10 6.48
CA THR A 381 12.67 -24.86 6.88
C THR A 381 12.80 -24.81 8.39
N ARG A 382 11.89 -24.09 9.04
CA ARG A 382 11.91 -24.01 10.49
C ARG A 382 11.71 -25.38 11.15
N GLU A 383 10.73 -26.17 10.65
CA GLU A 383 10.51 -27.48 11.23
C GLU A 383 11.72 -28.40 11.06
N LEU A 384 12.37 -28.38 9.87
CA LEU A 384 13.54 -29.24 9.72
C LEU A 384 14.64 -28.81 10.70
N ALA A 385 14.82 -27.50 10.86
CA ALA A 385 15.83 -27.03 11.82
C ALA A 385 15.52 -27.56 13.22
N LYS A 386 14.25 -27.55 13.60
CA LYS A 386 13.87 -28.05 14.91
C LYS A 386 14.17 -29.54 15.02
N MET A 387 13.88 -30.32 13.98
CA MET A 387 14.19 -31.75 14.03
C MET A 387 15.69 -31.99 14.20
N ILE A 388 16.50 -31.24 13.46
CA ILE A 388 17.95 -31.39 13.56
C ILE A 388 18.42 -31.10 14.97
N LYS A 389 17.92 -30.02 15.55
CA LYS A 389 18.35 -29.61 16.89
C LYS A 389 17.84 -30.57 17.94
N ASP A 390 16.59 -31.04 17.79
CA ASP A 390 16.07 -32.02 18.73
C ASP A 390 16.86 -33.31 18.68
N ALA A 391 17.44 -33.65 17.52
CA ALA A 391 18.27 -34.84 17.40
C ALA A 391 19.70 -34.61 17.85
N LYS A 392 20.02 -33.40 18.29
CA LYS A 392 21.37 -33.02 18.69
C LYS A 392 22.38 -33.26 17.57
N ILE A 393 21.95 -33.05 16.32
CA ILE A 393 22.86 -33.16 15.18
C ILE A 393 23.68 -31.88 15.09
N PRO A 394 25.01 -31.97 15.08
CA PRO A 394 25.82 -30.73 15.04
C PRO A 394 25.92 -30.21 13.61
N PHE A 395 24.84 -29.55 13.18
CA PHE A 395 24.70 -29.16 11.78
C PHE A 395 25.92 -28.43 11.26
N ALA A 396 26.40 -27.43 11.99
CA ALA A 396 27.48 -26.61 11.45
C ALA A 396 28.80 -27.38 11.35
N LYS A 397 28.89 -28.52 12.02
CA LYS A 397 30.10 -29.35 11.98
C LYS A 397 30.01 -30.47 10.96
N LEU A 398 28.88 -30.62 10.26
CA LEU A 398 28.68 -31.81 9.44
C LEU A 398 29.53 -31.74 8.18
N GLU A 399 29.93 -32.91 7.70
CA GLU A 399 30.61 -33.01 6.43
C GLU A 399 29.55 -33.08 5.33
N ASP A 400 29.94 -32.65 4.13
CA ASP A 400 29.00 -32.67 3.02
C ASP A 400 28.78 -34.08 2.53
N SER A 401 27.57 -34.36 2.08
CA SER A 401 27.24 -35.57 1.34
C SER A 401 26.42 -35.17 0.11
N GLU A 402 26.08 -36.16 -0.69
CA GLU A 402 25.37 -35.94 -1.94
C GLU A 402 23.99 -36.57 -1.88
N ALA A 403 23.12 -36.10 -2.76
CA ALA A 403 21.81 -36.71 -2.89
C ALA A 403 21.90 -38.01 -3.67
N ASP A 404 20.96 -38.88 -3.44
CA ASP A 404 20.81 -40.03 -4.33
C ASP A 404 20.39 -39.51 -5.69
N PRO A 405 21.11 -39.86 -6.76
CA PRO A 405 20.96 -39.09 -7.99
C PRO A 405 19.68 -39.34 -8.78
N ALA A 406 19.02 -40.48 -8.63
CA ALA A 406 17.96 -40.85 -9.59
C ALA A 406 16.82 -39.84 -9.64
N MET A 407 16.45 -39.25 -8.51
CA MET A 407 15.62 -38.04 -8.49
C MET A 407 16.21 -36.97 -7.63
N GLY A 408 17.53 -36.83 -7.69
CA GLY A 408 18.26 -35.85 -6.91
C GLY A 408 19.15 -34.92 -7.71
N GLU A 409 19.51 -35.31 -8.92
CA GLU A 409 20.30 -34.45 -9.80
C GLU A 409 19.47 -33.22 -10.15
N TYR A 410 20.14 -32.07 -10.27
CA TYR A 410 19.43 -30.91 -10.76
C TYR A 410 20.34 -29.99 -11.57
N SER A 411 19.72 -29.30 -12.53
CA SER A 411 20.37 -28.32 -13.38
C SER A 411 20.34 -26.95 -12.69
N GLY A 412 21.10 -26.01 -13.25
CA GLY A 412 21.10 -24.66 -12.72
C GLY A 412 19.78 -23.94 -12.92
N ALA A 413 19.03 -24.37 -13.93
CA ALA A 413 17.70 -23.79 -14.13
C ALA A 413 16.77 -24.17 -13.00
N GLY A 414 16.80 -25.44 -12.59
CA GLY A 414 16.04 -25.80 -11.41
C GLY A 414 16.52 -25.08 -10.15
N ALA A 415 17.83 -24.86 -10.04
CA ALA A 415 18.42 -24.31 -8.82
C ALA A 415 17.91 -22.91 -8.50
N ILE A 416 17.55 -22.12 -9.53
CA ILE A 416 17.15 -20.72 -9.30
C ILE A 416 15.66 -20.55 -9.08
N PHE A 417 14.88 -21.63 -9.05
CA PHE A 417 13.43 -21.52 -8.90
C PHE A 417 13.01 -20.68 -7.71
N GLY A 418 13.81 -20.71 -6.62
CA GLY A 418 13.44 -20.09 -5.36
C GLY A 418 13.43 -18.57 -5.38
N ALA A 419 14.05 -17.97 -6.39
CA ALA A 419 14.08 -16.51 -6.51
C ALA A 419 12.98 -16.02 -7.45
N THR A 420 12.46 -14.82 -7.18
CA THR A 420 11.50 -14.23 -8.10
C THR A 420 12.11 -14.09 -9.50
N GLY A 421 11.40 -14.58 -10.51
CA GLY A 421 11.94 -14.62 -11.86
C GLY A 421 12.71 -15.89 -12.19
N GLY A 422 12.88 -16.78 -11.22
CA GLY A 422 13.63 -18.00 -11.44
C GLY A 422 12.93 -18.98 -12.36
N VAL A 423 11.67 -19.28 -12.07
N VAL A 423 11.65 -19.25 -12.11
CA VAL A 423 10.84 -20.07 -12.97
CA VAL A 423 10.93 -20.13 -13.01
C VAL A 423 10.87 -19.49 -14.37
C VAL A 423 10.77 -19.51 -14.40
N MET A 424 10.63 -18.18 -14.48
CA MET A 424 10.60 -17.54 -15.79
C MET A 424 11.90 -17.80 -16.55
N GLU A 425 13.04 -17.48 -15.94
CA GLU A 425 14.34 -17.68 -16.59
C GLU A 425 14.56 -19.13 -16.95
N ALA A 426 14.26 -20.03 -16.01
CA ALA A 426 14.44 -21.46 -16.26
C ALA A 426 13.59 -21.93 -17.43
N ALA A 427 12.32 -21.49 -17.46
CA ALA A 427 11.42 -21.93 -18.53
C ALA A 427 11.87 -21.38 -19.88
N LEU A 428 12.33 -20.13 -19.92
CA LEU A 428 12.79 -19.57 -21.18
C LEU A 428 14.02 -20.30 -21.71
N ARG A 429 14.91 -20.74 -20.82
CA ARG A 429 16.09 -21.48 -21.29
C ARG A 429 15.67 -22.69 -22.08
N SER A 430 14.71 -23.45 -21.58
CA SER A 430 14.27 -24.63 -22.30
C SER A 430 13.32 -24.29 -23.46
N ALA A 431 12.40 -23.35 -23.27
CA ALA A 431 11.44 -23.07 -24.34
C ALA A 431 12.13 -22.56 -25.60
N LYS A 432 13.15 -21.71 -25.44
CA LYS A 432 13.86 -21.17 -26.61
C LYS A 432 14.59 -22.28 -27.37
N ASP A 433 15.24 -23.19 -26.64
CA ASP A 433 15.89 -24.34 -27.28
C ASP A 433 14.87 -25.22 -27.98
N PHE A 434 13.78 -25.58 -27.29
CA PHE A 434 12.74 -26.42 -27.88
C PHE A 434 12.22 -25.79 -29.16
N ALA A 435 11.80 -24.52 -29.10
CA ALA A 435 11.17 -23.87 -30.25
C ALA A 435 12.12 -23.71 -31.43
N GLU A 436 13.40 -23.44 -31.15
CA GLU A 436 14.36 -23.21 -32.22
C GLU A 436 15.15 -24.47 -32.57
N ASN A 437 14.79 -25.61 -31.98
CA ASN A 437 15.54 -26.86 -32.14
C ASN A 437 17.04 -26.56 -32.16
N ALA A 438 17.49 -25.87 -31.11
CA ALA A 438 18.87 -25.40 -31.01
C ALA A 438 19.37 -25.66 -29.60
N GLU A 439 20.67 -25.44 -29.42
CA GLU A 439 21.33 -25.52 -28.11
C GLU A 439 21.97 -24.16 -27.84
N LEU A 440 21.14 -23.17 -27.55
CA LEU A 440 21.64 -21.81 -27.49
C LEU A 440 22.55 -21.61 -26.29
N GLU A 441 23.59 -20.80 -26.47
CA GLU A 441 24.56 -20.58 -25.42
C GLU A 441 24.18 -19.42 -24.50
N ASP A 442 23.39 -18.46 -24.99
CA ASP A 442 23.01 -17.29 -24.19
C ASP A 442 21.73 -17.62 -23.43
N ILE A 443 21.87 -17.77 -22.11
CA ILE A 443 20.82 -18.35 -21.27
C ILE A 443 20.50 -17.49 -20.07
N GLU A 444 21.19 -16.37 -19.87
CA GLU A 444 20.94 -15.53 -18.73
C GLU A 444 19.94 -14.45 -19.10
N TYR A 445 18.87 -14.37 -18.32
CA TYR A 445 17.77 -13.45 -18.56
C TYR A 445 17.71 -12.49 -17.38
N LYS A 446 18.69 -11.60 -17.30
CA LYS A 446 18.82 -10.77 -16.12
C LYS A 446 17.66 -9.78 -16.00
N GLN A 447 16.94 -9.49 -17.09
CA GLN A 447 15.86 -8.53 -17.04
C GLN A 447 14.68 -8.99 -16.18
N VAL A 448 14.55 -10.28 -15.88
CA VAL A 448 13.43 -10.75 -15.05
C VAL A 448 13.81 -10.97 -13.60
N ARG A 449 15.06 -10.70 -13.23
CA ARG A 449 15.57 -10.90 -11.88
C ARG A 449 15.34 -9.66 -11.04
N GLY A 450 15.48 -9.84 -9.72
CA GLY A 450 15.50 -8.71 -8.80
C GLY A 450 14.15 -8.46 -8.17
N LEU A 451 14.13 -7.42 -7.34
CA LEU A 451 13.05 -7.24 -6.37
C LEU A 451 11.99 -6.24 -6.80
N ASN A 452 12.06 -5.70 -8.02
CA ASN A 452 10.94 -4.90 -8.51
C ASN A 452 9.67 -5.75 -8.45
N GLY A 453 8.58 -5.12 -8.01
CA GLY A 453 7.36 -5.87 -7.77
C GLY A 453 6.71 -6.40 -9.03
N ILE A 454 6.90 -5.72 -10.16
CA ILE A 454 6.36 -6.12 -11.45
C ILE A 454 7.49 -5.91 -12.45
N LYS A 455 7.89 -6.96 -13.12
CA LYS A 455 9.00 -6.93 -14.06
C LYS A 455 8.52 -7.42 -15.40
N GLU A 456 9.10 -6.88 -16.47
CA GLU A 456 8.70 -7.34 -17.79
C GLU A 456 9.89 -7.34 -18.72
N ALA A 457 9.76 -8.14 -19.79
CA ALA A 457 10.79 -8.17 -20.80
C ALA A 457 10.18 -8.64 -22.11
N GLU A 458 10.79 -8.22 -23.21
CA GLU A 458 10.47 -8.72 -24.53
C GLU A 458 11.52 -9.76 -24.87
N VAL A 459 11.11 -10.95 -25.32
CA VAL A 459 12.07 -11.99 -25.67
C VAL A 459 11.82 -12.49 -27.08
N GLU A 460 12.92 -12.84 -27.75
CA GLU A 460 12.90 -13.37 -29.11
C GLU A 460 12.93 -14.89 -29.03
N ILE A 461 11.92 -15.54 -29.61
CA ILE A 461 11.89 -16.99 -29.72
C ILE A 461 11.61 -17.35 -31.16
N ASN A 462 12.53 -18.05 -31.80
CA ASN A 462 12.34 -18.50 -33.17
C ASN A 462 11.84 -17.35 -34.04
N ASN A 463 12.58 -16.24 -33.99
CA ASN A 463 12.38 -15.07 -34.86
C ASN A 463 11.02 -14.38 -34.67
N ASN A 464 10.41 -14.53 -33.50
CA ASN A 464 9.26 -13.73 -33.11
C ASN A 464 9.49 -13.13 -31.74
N LYS A 465 8.82 -12.01 -31.48
CA LYS A 465 8.90 -11.31 -30.19
C LYS A 465 7.73 -11.71 -29.32
N TYR A 466 8.02 -11.94 -28.04
CA TYR A 466 7.01 -12.31 -27.04
C TYR A 466 7.23 -11.48 -25.80
N ASN A 467 6.13 -11.21 -25.10
CA ASN A 467 6.15 -10.38 -23.91
C ASN A 467 5.96 -11.27 -22.70
N VAL A 468 6.87 -11.16 -21.74
CA VAL A 468 6.74 -11.89 -20.48
C VAL A 468 6.69 -10.90 -19.34
N ALA A 469 6.06 -11.33 -18.25
CA ALA A 469 6.01 -10.56 -17.02
C ALA A 469 6.30 -11.48 -15.84
N VAL A 470 6.93 -10.91 -14.83
CA VAL A 470 7.17 -11.59 -13.56
C VAL A 470 6.48 -10.75 -12.50
N ILE A 471 5.51 -11.35 -11.82
CA ILE A 471 4.75 -10.67 -10.76
C ILE A 471 5.30 -11.17 -9.43
N ASN A 472 5.87 -10.28 -8.65
CA ASN A 472 6.70 -10.60 -7.48
C ASN A 472 5.94 -10.18 -6.22
N GLY A 473 5.05 -11.03 -5.77
CA GLY A 473 4.24 -10.82 -4.58
C GLY A 473 2.74 -10.68 -4.91
N ALA A 474 1.90 -11.17 -3.98
CA ALA A 474 0.46 -11.21 -4.21
C ALA A 474 -0.15 -9.82 -4.36
N SER A 475 0.32 -8.86 -3.58
CA SER A 475 -0.19 -7.51 -3.71
C SER A 475 0.12 -6.97 -5.12
N ASN A 476 1.22 -7.38 -5.71
CA ASN A 476 1.56 -6.88 -7.03
C ASN A 476 0.74 -7.56 -8.13
N LEU A 477 0.25 -8.79 -7.87
CA LEU A 477 -0.73 -9.39 -8.76
C LEU A 477 -1.99 -8.53 -8.81
N PHE A 478 -2.50 -8.16 -7.62
CA PHE A 478 -3.64 -7.25 -7.57
C PHE A 478 -3.35 -5.95 -8.31
N LYS A 479 -2.16 -5.38 -8.08
CA LYS A 479 -1.82 -4.12 -8.75
C LYS A 479 -1.80 -4.30 -10.27
N PHE A 480 -1.15 -5.37 -10.72
CA PHE A 480 -1.02 -5.64 -12.15
C PHE A 480 -2.38 -5.79 -12.82
N MET A 481 -3.32 -6.45 -12.15
CA MET A 481 -4.63 -6.63 -12.75
C MET A 481 -5.50 -5.39 -12.59
N LYS A 482 -5.60 -4.84 -11.38
CA LYS A 482 -6.56 -3.80 -11.14
C LYS A 482 -6.16 -2.52 -11.84
N SER A 483 -4.86 -2.30 -11.98
CA SER A 483 -4.38 -1.13 -12.70
C SER A 483 -4.59 -1.25 -14.21
N GLY A 484 -4.99 -2.42 -14.72
CA GLY A 484 -5.05 -2.64 -16.15
C GLY A 484 -3.72 -2.75 -16.85
N MET A 485 -2.60 -2.94 -16.12
CA MET A 485 -1.33 -3.15 -16.80
C MET A 485 -1.39 -4.35 -17.73
N ILE A 486 -2.15 -5.36 -17.34
CA ILE A 486 -2.33 -6.56 -18.16
C ILE A 486 -2.86 -6.19 -19.55
N ASN A 487 -3.59 -5.07 -19.66
CA ASN A 487 -4.18 -4.64 -20.92
C ASN A 487 -3.24 -3.82 -21.81
N GLU A 488 -2.07 -3.43 -21.32
CA GLU A 488 -1.27 -2.51 -22.09
C GLU A 488 -0.61 -3.17 -23.30
N LYS A 489 -0.54 -4.50 -23.31
CA LYS A 489 0.03 -5.22 -24.44
C LYS A 489 -0.41 -6.66 -24.28
N GLN A 490 -0.12 -7.46 -25.28
CA GLN A 490 -0.41 -8.88 -25.18
C GLN A 490 0.73 -9.57 -24.42
N TYR A 491 0.45 -10.11 -23.24
CA TYR A 491 1.43 -10.90 -22.52
C TYR A 491 1.31 -12.35 -22.94
N HIS A 492 2.45 -13.02 -23.07
CA HIS A 492 2.45 -14.42 -23.49
C HIS A 492 2.74 -15.39 -22.36
N PHE A 493 3.60 -15.03 -21.41
CA PHE A 493 3.96 -15.92 -20.32
C PHE A 493 4.19 -15.06 -19.09
N ILE A 494 3.50 -15.36 -18.00
CA ILE A 494 3.59 -14.57 -16.77
C ILE A 494 3.87 -15.50 -15.59
N GLU A 495 4.98 -15.26 -14.89
CA GLU A 495 5.28 -15.89 -13.61
C GLU A 495 4.58 -15.10 -12.51
N VAL A 496 3.93 -15.79 -11.58
CA VAL A 496 3.35 -15.15 -10.41
C VAL A 496 3.79 -15.88 -9.16
N MET A 497 4.38 -15.16 -8.22
N MET A 497 4.27 -15.13 -8.18
N MET A 497 4.28 -15.14 -8.18
CA MET A 497 4.68 -15.65 -6.88
CA MET A 497 4.68 -15.65 -6.87
CA MET A 497 4.66 -15.67 -6.88
C MET A 497 3.89 -14.85 -5.85
C MET A 497 4.02 -14.83 -5.78
C MET A 497 4.02 -14.84 -5.78
N ALA A 498 3.44 -15.52 -4.79
CA ALA A 498 2.71 -14.81 -3.74
C ALA A 498 3.61 -14.03 -2.76
N CYS A 499 4.83 -14.50 -2.55
CA CYS A 499 5.74 -13.93 -1.57
C CYS A 499 6.73 -13.01 -2.25
N HIS A 500 6.78 -11.75 -1.80
CA HIS A 500 7.74 -10.81 -2.39
C HIS A 500 9.17 -11.31 -2.19
N GLY A 501 9.92 -11.36 -3.27
CA GLY A 501 11.25 -11.94 -3.29
C GLY A 501 11.28 -13.38 -3.76
N GLY A 502 10.14 -14.00 -3.88
CA GLY A 502 10.10 -15.39 -4.23
C GLY A 502 10.11 -16.27 -3.01
N CYS A 503 10.25 -17.57 -3.25
CA CYS A 503 10.20 -18.50 -2.14
C CYS A 503 11.31 -18.26 -1.12
N VAL A 504 12.41 -17.66 -1.52
CA VAL A 504 13.44 -17.39 -0.52
C VAL A 504 12.86 -16.58 0.64
N ASN A 505 11.81 -15.80 0.38
CA ASN A 505 11.11 -15.06 1.44
C ASN A 505 9.77 -15.68 1.81
N GLY A 506 9.67 -17.01 1.75
CA GLY A 506 8.42 -17.66 2.01
C GLY A 506 8.04 -17.73 3.48
N GLY A 507 6.80 -18.19 3.68
CA GLY A 507 6.17 -18.16 5.00
C GLY A 507 6.67 -19.20 5.96
N GLY A 508 7.47 -20.15 5.47
CA GLY A 508 8.09 -21.17 6.28
C GLY A 508 9.56 -20.94 6.58
N GLN A 509 10.06 -19.75 6.31
CA GLN A 509 11.48 -19.48 6.38
C GLN A 509 11.88 -19.03 7.77
N PRO A 510 13.20 -19.02 8.05
CA PRO A 510 13.65 -18.54 9.36
C PRO A 510 13.23 -17.10 9.60
N HIS A 511 12.77 -16.82 10.83
CA HIS A 511 12.60 -15.43 11.25
C HIS A 511 13.97 -14.77 11.31
N VAL A 512 13.99 -13.48 11.02
CA VAL A 512 15.20 -12.65 11.10
C VAL A 512 14.85 -11.45 11.98
N ASN A 513 15.74 -11.11 12.89
CA ASN A 513 15.51 -9.91 13.69
C ASN A 513 15.38 -8.68 12.79
N PRO A 514 14.45 -7.76 13.09
CA PRO A 514 14.38 -6.52 12.28
C PRO A 514 15.63 -5.67 12.34
N LYS A 515 16.56 -5.97 13.25
CA LYS A 515 17.82 -5.26 13.37
C LYS A 515 18.95 -5.96 12.64
N ASP A 516 18.79 -7.26 12.37
CA ASP A 516 19.55 -7.91 11.30
C ASP A 516 19.00 -7.50 9.94
N LEU A 517 17.70 -7.28 9.85
CA LEU A 517 17.10 -6.86 8.59
C LEU A 517 17.57 -5.47 8.17
N GLU A 518 17.94 -4.60 9.11
CA GLU A 518 18.52 -3.31 8.72
C GLU A 518 19.74 -3.51 7.84
N LYS A 519 20.66 -4.35 8.27
CA LYS A 519 21.98 -4.46 7.67
C LYS A 519 22.07 -5.57 6.62
N VAL A 520 20.98 -6.28 6.36
CA VAL A 520 21.01 -7.43 5.46
C VAL A 520 19.75 -7.41 4.61
N ASP A 521 19.91 -7.41 3.27
CA ASP A 521 18.79 -7.60 2.36
C ASP A 521 18.56 -9.10 2.23
N ILE A 522 17.64 -9.62 3.04
CA ILE A 522 17.52 -11.06 3.18
C ILE A 522 17.07 -11.70 1.87
N LYS A 523 16.26 -11.00 1.09
CA LYS A 523 15.79 -11.58 -0.17
C LYS A 523 16.92 -11.77 -1.16
N LYS A 524 17.82 -10.78 -1.24
CA LYS A 524 18.88 -10.85 -2.23
C LYS A 524 19.97 -11.81 -1.78
N VAL A 525 20.27 -11.82 -0.49
CA VAL A 525 21.35 -12.66 0.00
C VAL A 525 20.97 -14.14 -0.10
N ARG A 526 19.72 -14.49 0.25
CA ARG A 526 19.28 -15.87 0.06
C ARG A 526 19.26 -16.22 -1.42
N ALA A 527 18.71 -15.35 -2.26
CA ALA A 527 18.67 -15.63 -3.68
C ALA A 527 20.07 -15.77 -4.25
N SER A 528 21.05 -15.06 -3.71
CA SER A 528 22.39 -15.11 -4.31
C SER A 528 22.98 -16.52 -4.26
N VAL A 529 22.65 -17.29 -3.23
CA VAL A 529 23.12 -18.67 -3.15
C VAL A 529 22.63 -19.45 -4.37
N LEU A 530 21.38 -19.22 -4.76
CA LEU A 530 20.80 -20.01 -5.84
C LEU A 530 21.42 -19.64 -7.18
N TYR A 531 21.57 -18.34 -7.42
CA TYR A 531 22.21 -17.93 -8.67
C TYR A 531 23.66 -18.38 -8.70
N ASN A 532 24.31 -18.45 -7.54
N ASN A 532 24.32 -18.41 -7.55
CA ASN A 532 25.70 -18.91 -7.52
CA ASN A 532 25.69 -18.92 -7.49
C ASN A 532 25.80 -20.40 -7.88
C ASN A 532 25.75 -20.37 -7.92
N GLN A 533 24.84 -21.21 -7.44
CA GLN A 533 24.80 -22.60 -7.86
C GLN A 533 24.63 -22.71 -9.37
N ASP A 534 23.69 -21.96 -9.91
CA ASP A 534 23.45 -21.96 -11.35
C ASP A 534 24.74 -21.65 -12.10
N GLU A 535 25.42 -20.59 -11.68
CA GLU A 535 26.66 -20.16 -12.33
C GLU A 535 27.74 -21.24 -12.32
N HIS A 536 27.77 -22.10 -11.32
CA HIS A 536 28.82 -23.10 -11.23
C HIS A 536 28.38 -24.50 -11.66
N LEU A 537 27.12 -24.69 -12.04
CA LEU A 537 26.67 -26.00 -12.48
C LEU A 537 27.01 -26.20 -13.96
N SER A 538 27.46 -27.41 -14.27
CA SER A 538 27.77 -27.74 -15.66
C SER A 538 26.53 -27.72 -16.55
N LYS A 539 25.42 -28.27 -16.06
CA LYS A 539 24.16 -28.26 -16.79
C LYS A 539 23.29 -27.14 -16.23
N ARG A 540 22.90 -26.20 -17.09
CA ARG A 540 22.10 -25.05 -16.67
C ARG A 540 20.75 -24.99 -17.39
N LYS A 541 20.36 -26.08 -18.04
CA LYS A 541 19.04 -26.22 -18.64
C LYS A 541 18.40 -27.48 -18.11
N SER A 542 17.11 -27.37 -17.74
CA SER A 542 16.42 -28.51 -17.12
C SER A 542 16.49 -29.75 -18.01
N HIS A 543 16.38 -29.56 -19.34
CA HIS A 543 16.33 -30.71 -20.25
C HIS A 543 17.70 -31.34 -20.47
N GLU A 544 18.75 -30.81 -19.84
CA GLU A 544 20.06 -31.43 -19.86
C GLU A 544 20.31 -32.33 -18.65
N ASN A 545 19.46 -32.28 -17.64
CA ASN A 545 19.55 -33.12 -16.46
C ASN A 545 19.56 -34.60 -16.83
N THR A 546 20.67 -35.29 -16.58
CA THR A 546 20.87 -36.67 -17.04
C THR A 546 19.88 -37.64 -16.40
N ALA A 547 19.69 -37.54 -15.08
CA ALA A 547 18.77 -38.44 -14.41
C ALA A 547 17.34 -38.21 -14.89
N LEU A 548 17.00 -36.95 -15.17
CA LEU A 548 15.67 -36.63 -15.66
C LEU A 548 15.46 -37.20 -17.05
N VAL A 549 16.45 -37.03 -17.92
CA VAL A 549 16.34 -37.58 -19.28
C VAL A 549 16.12 -39.10 -19.22
N LYS A 550 16.82 -39.77 -18.31
CA LYS A 550 16.66 -41.22 -18.17
C LYS A 550 15.24 -41.58 -17.77
N MET A 551 14.68 -40.83 -16.82
CA MET A 551 13.34 -41.09 -16.38
C MET A 551 12.32 -40.94 -17.52
N TYR A 552 12.44 -39.85 -18.27
CA TYR A 552 11.51 -39.69 -19.38
C TYR A 552 11.68 -40.78 -20.43
N GLN A 553 12.92 -41.09 -20.79
CA GLN A 553 13.14 -42.14 -21.80
C GLN A 553 12.62 -43.50 -21.33
N ASN A 554 12.82 -43.82 -20.07
CA ASN A 554 12.54 -45.17 -19.59
C ASN A 554 11.14 -45.33 -19.01
N TYR A 555 10.47 -44.22 -18.68
CA TYR A 555 9.20 -44.33 -17.98
C TYR A 555 8.12 -43.38 -18.50
N PHE A 556 8.39 -42.08 -18.60
CA PHE A 556 7.29 -41.19 -18.92
C PHE A 556 7.06 -40.97 -20.40
N GLY A 557 8.09 -41.17 -21.24
CA GLY A 557 7.95 -40.87 -22.65
C GLY A 557 8.17 -39.40 -22.99
N LYS A 558 7.38 -38.86 -23.90
CA LYS A 558 7.58 -37.48 -24.35
C LYS A 558 6.86 -36.50 -23.44
N PRO A 559 7.49 -35.40 -23.01
CA PRO A 559 6.77 -34.42 -22.20
C PRO A 559 5.61 -33.80 -22.96
N GLY A 560 4.61 -33.36 -22.19
CA GLY A 560 3.51 -32.59 -22.70
C GLY A 560 2.48 -33.37 -23.48
N GLU A 561 2.56 -34.70 -23.46
CA GLU A 561 1.57 -35.54 -24.12
C GLU A 561 1.49 -36.87 -23.39
N GLY A 562 0.36 -37.56 -23.61
CA GLY A 562 0.31 -38.98 -23.33
C GLY A 562 0.42 -39.31 -21.85
N ARG A 563 1.37 -40.19 -21.55
CA ARG A 563 1.61 -40.60 -20.17
C ARG A 563 2.07 -39.41 -19.32
N ALA A 564 3.01 -38.63 -19.82
CA ALA A 564 3.50 -37.48 -19.07
C ALA A 564 2.37 -36.49 -18.83
N HIS A 565 1.54 -36.24 -19.83
CA HIS A 565 0.43 -35.34 -19.59
C HIS A 565 -0.59 -35.97 -18.67
N GLU A 566 -0.76 -37.29 -18.78
CA GLU A 566 -1.78 -37.99 -18.00
C GLU A 566 -1.56 -37.81 -16.51
N ILE A 567 -0.35 -38.01 -16.02
CA ILE A 567 -0.16 -38.07 -14.58
C ILE A 567 0.71 -36.94 -14.04
N LEU A 568 1.45 -36.19 -14.87
CA LEU A 568 2.31 -35.12 -14.36
C LEU A 568 1.62 -33.76 -14.44
N HIS A 569 0.40 -33.70 -14.96
CA HIS A 569 -0.35 -32.47 -15.12
C HIS A 569 -1.55 -32.48 -14.19
N PHE A 570 -2.12 -31.30 -13.97
CA PHE A 570 -3.23 -31.15 -13.03
C PHE A 570 -4.17 -30.09 -13.57
N LYS A 571 -5.46 -30.39 -13.57
CA LYS A 571 -6.51 -29.49 -14.07
C LYS A 571 -6.90 -28.55 -12.94
N TYR A 572 -6.28 -27.40 -12.91
CA TYR A 572 -6.49 -26.48 -11.80
C TYR A 572 -7.91 -25.94 -11.81
N LYS A 573 -8.48 -25.67 -12.98
CA LYS A 573 -9.83 -25.15 -13.06
C LYS A 573 -10.85 -26.16 -12.53
N LYS A 574 -10.94 -27.31 -13.19
CA LYS A 574 -12.00 -28.27 -12.94
C LYS A 574 -11.97 -28.85 -11.52
N LYS B 2 30.43 1.44 0.51
CA LYS B 2 30.45 1.38 -0.92
C LYS B 2 30.97 2.68 -1.39
N THR B 3 31.79 2.64 -2.40
CA THR B 3 32.30 3.86 -2.97
C THR B 3 31.73 3.99 -4.36
N ILE B 4 31.09 5.09 -4.70
CA ILE B 4 30.50 5.15 -6.00
C ILE B 4 30.87 6.43 -6.64
N ILE B 5 31.35 6.33 -7.87
CA ILE B 5 31.65 7.52 -8.60
C ILE B 5 30.44 7.95 -9.36
N ILE B 6 30.21 9.24 -9.41
CA ILE B 6 29.06 9.76 -10.09
C ILE B 6 29.55 10.95 -10.85
N ASN B 7 29.73 10.77 -12.15
CA ASN B 7 30.20 11.87 -13.00
C ASN B 7 31.58 12.34 -12.53
N GLY B 8 32.42 11.39 -12.16
CA GLY B 8 33.74 11.71 -11.66
C GLY B 8 33.83 11.77 -10.15
N VAL B 9 32.83 12.38 -9.50
CA VAL B 9 32.89 12.53 -8.05
C VAL B 9 32.70 11.17 -7.39
N GLN B 10 33.64 10.79 -6.53
CA GLN B 10 33.51 9.57 -5.75
C GLN B 10 32.66 9.82 -4.51
N PHE B 11 31.91 8.80 -4.10
CA PHE B 11 31.04 8.88 -2.95
C PHE B 11 31.22 7.65 -2.08
N ASN B 12 31.33 7.86 -0.77
CA ASN B 12 31.36 6.80 0.23
C ASN B 12 29.97 6.73 0.86
N THR B 13 29.43 5.52 0.96
CA THR B 13 28.09 5.40 1.53
C THR B 13 27.78 3.95 1.83
N ASP B 14 26.83 3.74 2.73
CA ASP B 14 26.18 2.44 2.85
C ASP B 14 24.66 2.55 2.90
N GLU B 15 24.09 3.71 2.53
CA GLU B 15 22.68 3.76 2.19
C GLU B 15 22.36 2.62 1.22
N ASP B 16 21.23 1.97 1.43
CA ASP B 16 20.74 0.95 0.50
C ASP B 16 19.57 1.53 -0.29
N THR B 17 19.90 2.43 -1.22
CA THR B 17 18.90 3.24 -1.91
C THR B 17 19.18 3.21 -3.41
N THR B 18 18.20 3.69 -4.18
CA THR B 18 18.37 3.74 -5.62
C THR B 18 19.37 4.81 -6.02
N ILE B 19 19.88 4.68 -7.25
CA ILE B 19 20.65 5.74 -7.90
C ILE B 19 19.92 7.08 -7.80
N LEU B 20 18.64 7.09 -8.21
CA LEU B 20 17.91 8.36 -8.25
C LEU B 20 17.90 9.03 -6.88
N LYS B 21 17.53 8.30 -5.85
CA LYS B 21 17.36 8.93 -4.55
C LYS B 21 18.70 9.25 -3.89
N PHE B 22 19.73 8.45 -4.13
CA PHE B 22 21.05 8.82 -3.65
C PHE B 22 21.49 10.14 -4.26
N ALA B 23 21.32 10.28 -5.58
CA ALA B 23 21.70 11.51 -6.25
C ALA B 23 20.87 12.69 -5.79
N ARG B 24 19.55 12.49 -5.69
CA ARG B 24 18.68 13.55 -5.20
C ARG B 24 19.12 14.02 -3.82
N ASP B 25 19.53 13.09 -2.95
CA ASP B 25 20.03 13.46 -1.64
C ASP B 25 21.31 14.28 -1.74
N ASN B 26 22.23 13.84 -2.60
CA ASN B 26 23.49 14.53 -2.86
C ASN B 26 23.32 15.72 -3.80
N ASN B 27 22.09 16.21 -3.97
CA ASN B 27 21.81 17.37 -4.84
C ASN B 27 22.43 17.20 -6.23
N ILE B 28 22.60 15.95 -6.66
CA ILE B 28 22.92 15.60 -8.04
C ILE B 28 21.61 15.49 -8.83
N ASP B 29 21.57 16.09 -10.02
CA ASP B 29 20.33 16.23 -10.77
C ASP B 29 20.17 15.04 -11.72
N ILE B 30 19.20 14.17 -11.41
CA ILE B 30 18.73 13.14 -12.34
C ILE B 30 17.26 13.40 -12.62
N SER B 31 16.92 13.48 -13.91
CA SER B 31 15.52 13.67 -14.28
C SER B 31 14.74 12.38 -14.03
N ALA B 32 13.45 12.56 -13.74
CA ALA B 32 12.51 11.47 -13.63
C ALA B 32 11.19 11.98 -14.19
N LEU B 33 10.36 11.06 -14.67
CA LEU B 33 9.00 11.44 -15.09
C LEU B 33 7.96 10.49 -14.50
N CYS B 34 8.02 9.21 -14.83
CA CYS B 34 6.97 8.29 -14.35
C CYS B 34 7.16 7.87 -12.89
N PHE B 35 8.31 8.17 -12.27
CA PHE B 35 8.54 7.88 -10.87
C PHE B 35 7.87 8.94 -10.00
N LEU B 36 7.00 8.49 -9.09
CA LEU B 36 6.36 9.37 -8.11
C LEU B 36 5.87 8.51 -6.96
N ASN B 37 5.84 9.07 -5.77
CA ASN B 37 5.44 8.33 -4.55
C ASN B 37 6.15 6.97 -4.47
N ASN B 38 7.43 6.91 -4.80
CA ASN B 38 8.21 5.66 -4.65
C ASN B 38 7.73 4.53 -5.56
N CYS B 39 7.03 4.85 -6.64
CA CYS B 39 6.64 3.89 -7.67
C CYS B 39 6.93 4.50 -9.04
N ASN B 40 7.39 3.68 -9.99
CA ASN B 40 7.42 4.08 -11.38
C ASN B 40 6.36 3.30 -12.16
N ASN B 41 6.39 3.44 -13.47
CA ASN B 41 5.43 2.79 -14.35
C ASN B 41 6.03 1.45 -14.76
N ASP B 42 5.67 0.38 -14.04
CA ASP B 42 6.41 -0.86 -14.17
C ASP B 42 6.36 -1.41 -15.59
N ILE B 43 5.21 -1.28 -16.24
CA ILE B 43 5.04 -1.67 -17.64
C ILE B 43 5.24 -0.42 -18.49
N ASN B 44 6.14 -0.51 -19.45
CA ASN B 44 6.44 0.61 -20.35
C ASN B 44 6.99 1.80 -19.56
N LYS B 45 8.06 1.53 -18.82
CA LYS B 45 8.70 2.58 -18.03
C LYS B 45 9.23 3.69 -18.95
N CYS B 46 9.22 4.93 -18.42
CA CYS B 46 9.50 6.07 -19.28
C CYS B 46 10.98 6.18 -19.65
N GLU B 47 11.87 5.65 -18.82
CA GLU B 47 13.31 5.70 -19.02
C GLU B 47 13.88 7.11 -19.03
N ILE B 48 13.12 8.11 -18.56
CA ILE B 48 13.68 9.46 -18.46
C ILE B 48 14.78 9.54 -17.40
N CYS B 49 14.79 8.63 -16.44
CA CYS B 49 15.81 8.57 -15.39
C CYS B 49 17.04 7.76 -15.80
N THR B 50 17.22 7.54 -17.10
CA THR B 50 18.37 6.80 -17.61
C THR B 50 19.69 7.43 -17.15
N VAL B 51 20.61 6.58 -16.72
CA VAL B 51 21.99 6.97 -16.44
C VAL B 51 22.89 5.86 -16.93
N GLU B 52 24.18 6.12 -16.97
CA GLU B 52 25.14 5.19 -17.54
C GLU B 52 26.02 4.65 -16.42
N VAL B 53 25.92 3.35 -16.18
CA VAL B 53 26.77 2.66 -15.22
C VAL B 53 27.86 1.98 -16.02
N GLU B 54 29.08 2.51 -15.98
CA GLU B 54 30.17 1.89 -16.73
C GLU B 54 30.30 0.44 -16.31
N GLY B 55 30.16 -0.47 -17.27
CA GLY B 55 30.09 -1.89 -16.98
C GLY B 55 28.80 -2.55 -17.41
N THR B 56 27.65 -2.01 -16.97
CA THR B 56 26.36 -2.60 -17.26
C THR B 56 25.72 -2.03 -18.52
N GLY B 57 25.75 -0.70 -18.67
CA GLY B 57 25.08 -0.05 -19.79
C GLY B 57 24.15 1.07 -19.34
N LEU B 58 23.06 1.28 -20.08
CA LEU B 58 22.04 2.24 -19.68
C LEU B 58 21.05 1.57 -18.75
N VAL B 59 20.80 2.19 -17.60
CA VAL B 59 19.91 1.67 -16.57
C VAL B 59 18.96 2.79 -16.17
N THR B 60 17.78 2.39 -15.65
CA THR B 60 16.83 3.34 -15.09
C THR B 60 17.20 3.63 -13.64
N ALA B 61 17.53 4.90 -13.35
CA ALA B 61 17.99 5.26 -12.03
C ALA B 61 16.92 5.15 -10.97
N CYS B 62 15.63 5.22 -11.34
CA CYS B 62 14.59 5.29 -10.34
C CYS B 62 14.30 3.94 -9.71
N ASP B 63 14.78 2.84 -10.29
CA ASP B 63 14.46 1.53 -9.74
C ASP B 63 15.67 0.60 -9.79
N THR B 64 16.87 1.16 -9.74
CA THR B 64 18.12 0.42 -9.72
C THR B 64 18.91 0.84 -8.49
N LEU B 65 19.35 -0.14 -7.71
CA LEU B 65 20.02 0.13 -6.43
C LEU B 65 21.51 0.39 -6.64
N ILE B 66 22.06 1.30 -5.83
CA ILE B 66 23.50 1.57 -5.92
C ILE B 66 24.28 0.35 -5.45
N GLU B 67 25.55 0.30 -5.83
CA GLU B 67 26.44 -0.78 -5.43
C GLU B 67 27.86 -0.24 -5.35
N ASP B 68 28.70 -0.98 -4.62
CA ASP B 68 30.09 -0.58 -4.42
C ASP B 68 30.79 -0.40 -5.75
N GLY B 69 31.61 0.64 -5.84
CA GLY B 69 32.43 0.86 -7.02
C GLY B 69 31.68 1.13 -8.30
N MET B 70 30.35 1.18 -8.27
CA MET B 70 29.61 1.67 -9.43
C MET B 70 30.24 2.97 -9.89
N ILE B 71 30.55 3.06 -11.18
CA ILE B 71 30.84 4.34 -11.81
C ILE B 71 29.65 4.70 -12.67
N ILE B 72 29.15 5.91 -12.49
CA ILE B 72 27.86 6.32 -13.00
C ILE B 72 28.03 7.67 -13.68
N ASN B 73 27.60 7.73 -14.93
CA ASN B 73 27.57 8.97 -15.68
C ASN B 73 26.11 9.30 -15.96
N THR B 74 25.64 10.42 -15.42
CA THR B 74 24.27 10.84 -15.59
C THR B 74 24.11 11.78 -16.78
N ASN B 75 25.20 12.15 -17.45
CA ASN B 75 25.16 13.22 -18.43
C ASN B 75 25.97 12.89 -19.68
N SER B 76 26.34 11.64 -19.89
CA SER B 76 27.08 11.28 -21.09
C SER B 76 26.24 11.59 -22.33
N ASP B 77 26.93 11.69 -23.48
CA ASP B 77 26.22 11.82 -24.74
C ASP B 77 25.20 10.71 -24.92
N ALA B 78 25.56 9.50 -24.50
CA ALA B 78 24.67 8.35 -24.67
C ALA B 78 23.42 8.48 -23.79
N VAL B 79 23.59 8.93 -22.55
CA VAL B 79 22.44 9.13 -21.68
C VAL B 79 21.51 10.17 -22.28
N ASN B 80 22.08 11.27 -22.76
CA ASN B 80 21.26 12.41 -23.13
C ASN B 80 20.46 12.15 -24.39
N GLU B 81 21.00 11.40 -25.36
CA GLU B 81 20.19 11.16 -26.54
C GLU B 81 19.14 10.08 -26.29
N LYS B 82 19.38 9.15 -25.36
CA LYS B 82 18.29 8.28 -24.90
C LYS B 82 17.15 9.09 -24.29
N ILE B 83 17.47 9.97 -23.34
CA ILE B 83 16.43 10.73 -22.65
C ILE B 83 15.71 11.65 -23.63
N LYS B 84 16.46 12.30 -24.52
CA LYS B 84 15.82 13.17 -25.50
C LYS B 84 14.96 12.35 -26.46
N SER B 85 15.41 11.16 -26.83
N SER B 85 15.41 11.16 -26.83
CA SER B 85 14.60 10.29 -27.69
CA SER B 85 14.60 10.32 -27.69
C SER B 85 13.27 9.98 -27.04
C SER B 85 13.26 9.96 -27.04
N ARG B 86 13.29 9.62 -25.75
CA ARG B 86 12.05 9.28 -25.06
C ARG B 86 11.12 10.48 -24.95
N ILE B 87 11.65 11.66 -24.65
CA ILE B 87 10.80 12.84 -24.57
C ILE B 87 10.20 13.15 -25.93
N SER B 88 11.02 13.09 -26.99
CA SER B 88 10.53 13.29 -28.35
C SER B 88 9.42 12.31 -28.69
N GLN B 89 9.58 11.04 -28.32
CA GLN B 89 8.52 10.06 -28.58
C GLN B 89 7.24 10.41 -27.82
N LEU B 90 7.36 10.93 -26.61
CA LEU B 90 6.17 11.38 -25.89
C LEU B 90 5.54 12.60 -26.57
N LEU B 91 6.36 13.52 -27.07
CA LEU B 91 5.78 14.65 -27.80
C LEU B 91 5.06 14.17 -29.06
N ASP B 92 5.48 13.04 -29.64
CA ASP B 92 4.78 12.52 -30.80
C ASP B 92 3.35 12.07 -30.51
N ILE B 93 2.97 11.95 -29.25
CA ILE B 93 1.60 11.64 -28.88
C ILE B 93 1.01 12.76 -28.02
N HIS B 94 1.58 13.96 -28.09
CA HIS B 94 1.20 15.08 -27.22
C HIS B 94 0.79 16.27 -28.08
N GLU B 95 -0.43 16.75 -27.86
CA GLU B 95 -0.86 18.00 -28.51
C GLU B 95 -0.14 19.16 -27.81
N PHE B 96 0.95 19.62 -28.40
CA PHE B 96 1.94 20.48 -27.77
C PHE B 96 1.54 21.91 -28.12
N LYS B 97 0.53 22.40 -27.39
CA LYS B 97 -0.07 23.72 -27.62
C LYS B 97 -0.27 24.34 -26.26
N CYS B 98 0.81 24.91 -25.72
CA CYS B 98 0.77 25.36 -24.32
C CYS B 98 -0.04 26.61 -24.14
N GLY B 99 -0.24 27.40 -25.21
CA GLY B 99 -0.85 28.70 -25.09
C GLY B 99 -2.15 28.72 -24.31
N PRO B 100 -3.12 27.91 -24.72
CA PRO B 100 -4.40 27.83 -23.99
C PRO B 100 -4.45 26.73 -22.93
N CYS B 101 -3.34 26.06 -22.67
CA CYS B 101 -3.33 24.91 -21.79
C CYS B 101 -3.41 25.30 -20.32
N ASN B 102 -4.19 24.55 -19.55
CA ASN B 102 -4.38 24.93 -18.15
C ASN B 102 -3.22 24.54 -17.24
N ARG B 103 -2.17 23.91 -17.76
CA ARG B 103 -0.94 23.69 -17.00
C ARG B 103 0.20 24.57 -17.51
N ARG B 104 -0.11 25.57 -18.36
CA ARG B 104 0.95 26.31 -19.04
C ARG B 104 2.00 26.88 -18.09
N GLU B 105 1.60 27.36 -16.92
CA GLU B 105 2.53 28.02 -16.01
C GLU B 105 3.27 27.07 -15.06
N ASN B 106 2.87 25.81 -14.94
CA ASN B 106 3.58 24.94 -13.99
C ASN B 106 3.56 23.50 -14.46
N CYS B 107 3.64 23.28 -15.75
CA CYS B 107 3.61 21.93 -16.29
C CYS B 107 4.93 21.22 -16.02
N GLU B 108 4.87 20.07 -15.37
CA GLU B 108 6.09 19.32 -15.10
C GLU B 108 6.70 18.78 -16.36
N PHE B 109 5.88 18.29 -17.28
CA PHE B 109 6.41 17.77 -18.54
C PHE B 109 7.10 18.87 -19.34
N LEU B 110 6.50 20.06 -19.42
CA LEU B 110 7.13 21.18 -20.12
C LEU B 110 8.50 21.52 -19.54
N LYS B 111 8.64 21.44 -18.21
CA LYS B 111 9.95 21.73 -17.62
C LYS B 111 10.99 20.75 -18.12
N LEU B 112 10.60 19.46 -18.28
CA LEU B 112 11.49 18.45 -18.85
C LEU B 112 11.82 18.75 -20.30
N VAL B 113 10.80 19.05 -21.09
CA VAL B 113 11.03 19.37 -22.51
C VAL B 113 12.01 20.51 -22.65
N ILE B 114 11.82 21.56 -21.83
CA ILE B 114 12.70 22.72 -21.89
C ILE B 114 14.12 22.35 -21.45
N LYS B 115 14.23 21.50 -20.43
CA LYS B 115 15.53 21.08 -19.93
C LYS B 115 16.36 20.42 -21.02
N TYR B 116 15.74 19.59 -21.84
CA TYR B 116 16.44 18.86 -22.89
C TYR B 116 16.29 19.49 -24.26
N LYS B 117 15.49 20.54 -24.38
CA LYS B 117 15.07 21.10 -25.67
C LYS B 117 14.71 19.98 -26.65
N ALA B 118 13.89 19.06 -26.15
CA ALA B 118 13.35 17.98 -26.97
C ALA B 118 12.16 18.48 -27.75
N ARG B 119 11.94 17.91 -28.92
CA ARG B 119 10.76 18.21 -29.72
C ARG B 119 10.27 16.92 -30.36
N ALA B 120 9.02 16.97 -30.82
CA ALA B 120 8.46 15.86 -31.55
C ALA B 120 9.23 15.61 -32.83
N SER B 121 9.27 14.34 -33.28
CA SER B 121 9.65 14.07 -34.66
C SER B 121 8.51 14.40 -35.62
N LYS B 122 7.27 14.18 -35.19
CA LYS B 122 6.07 14.50 -35.94
C LYS B 122 5.05 15.15 -35.01
N PRO B 123 4.78 16.44 -35.14
CA PRO B 123 3.84 17.07 -34.21
C PRO B 123 2.47 16.39 -34.25
N PHE B 124 1.91 16.19 -33.05
CA PHE B 124 0.58 15.63 -32.91
C PHE B 124 -0.45 16.77 -32.88
N LEU B 125 -1.30 16.81 -33.89
CA LEU B 125 -2.18 17.97 -34.15
C LEU B 125 -3.55 17.46 -34.55
N PRO B 126 -4.19 16.67 -33.69
CA PRO B 126 -5.54 16.18 -33.99
C PRO B 126 -6.47 17.29 -34.43
N LYS B 127 -7.12 17.06 -35.57
CA LYS B 127 -8.04 18.04 -36.12
C LYS B 127 -9.33 18.08 -35.31
N ASP B 128 -9.70 16.97 -34.70
CA ASP B 128 -10.97 16.80 -34.00
C ASP B 128 -10.68 16.14 -32.65
N LYS B 129 -10.70 16.94 -31.58
CA LYS B 129 -10.33 16.44 -30.27
C LYS B 129 -11.44 15.70 -29.56
N THR B 130 -12.69 15.84 -30.01
CA THR B 130 -13.82 15.41 -29.19
C THR B 130 -13.69 13.96 -28.72
N GLU B 131 -13.16 13.08 -29.58
CA GLU B 131 -13.00 11.68 -29.18
C GLU B 131 -11.95 11.50 -28.08
N TYR B 132 -11.04 12.46 -27.89
CA TYR B 132 -10.00 12.35 -26.88
C TYR B 132 -10.41 12.95 -25.52
N VAL B 133 -11.51 13.69 -25.47
CA VAL B 133 -11.90 14.46 -24.31
C VAL B 133 -13.13 13.84 -23.70
N ASP B 134 -13.11 13.71 -22.39
CA ASP B 134 -14.24 13.23 -21.60
C ASP B 134 -14.53 14.26 -20.50
N GLU B 135 -15.58 15.05 -20.71
CA GLU B 135 -16.02 16.05 -19.74
C GLU B 135 -17.35 15.70 -19.10
N ARG B 136 -17.74 14.41 -19.13
CA ARG B 136 -19.06 14.03 -18.63
C ARG B 136 -19.18 14.14 -17.12
N SER B 137 -18.08 13.99 -16.38
CA SER B 137 -18.13 13.95 -14.93
C SER B 137 -18.44 15.33 -14.38
N LYS B 138 -19.07 15.35 -13.22
CA LYS B 138 -19.30 16.58 -12.51
C LYS B 138 -18.03 17.13 -11.87
N SER B 139 -16.97 16.32 -11.82
CA SER B 139 -15.78 16.64 -11.02
C SER B 139 -14.48 16.58 -11.81
N LEU B 140 -14.31 15.52 -12.60
CA LEU B 140 -13.06 15.23 -13.29
C LEU B 140 -13.21 15.32 -14.80
N THR B 141 -12.17 15.75 -15.48
CA THR B 141 -12.20 15.70 -16.94
C THR B 141 -10.88 15.11 -17.44
N VAL B 142 -10.95 14.46 -18.59
CA VAL B 142 -9.81 13.83 -19.23
C VAL B 142 -9.59 14.44 -20.60
N ASP B 143 -8.33 14.71 -20.94
CA ASP B 143 -7.93 15.15 -22.27
C ASP B 143 -6.73 14.30 -22.69
N ARG B 144 -7.03 13.25 -23.43
CA ARG B 144 -6.03 12.26 -23.77
C ARG B 144 -5.07 12.77 -24.80
N THR B 145 -5.34 13.93 -25.42
CA THR B 145 -4.32 14.49 -26.29
C THR B 145 -3.10 14.95 -25.50
N LYS B 146 -3.20 15.04 -24.18
CA LYS B 146 -2.11 15.42 -23.31
C LYS B 146 -1.47 14.27 -22.54
N CYS B 147 -2.04 13.07 -22.62
CA CYS B 147 -1.66 11.99 -21.72
C CYS B 147 -0.38 11.31 -22.19
N LEU B 148 0.58 11.18 -21.28
CA LEU B 148 1.87 10.55 -21.50
C LEU B 148 1.88 9.05 -21.21
N LEU B 149 0.78 8.48 -20.72
CA LEU B 149 0.73 7.07 -20.33
C LEU B 149 1.83 6.71 -19.33
N CYS B 150 2.08 7.64 -18.43
CA CYS B 150 3.09 7.50 -17.40
C CYS B 150 2.59 6.74 -16.19
N GLY B 151 1.31 6.49 -16.07
CA GLY B 151 0.80 5.71 -14.98
C GLY B 151 0.75 6.37 -13.64
N ARG B 152 1.12 7.66 -13.52
CA ARG B 152 1.17 8.25 -12.18
C ARG B 152 -0.20 8.35 -11.56
N CYS B 153 -1.23 8.64 -12.37
CA CYS B 153 -2.60 8.72 -11.86
C CYS B 153 -3.10 7.37 -11.38
N VAL B 154 -2.76 6.30 -12.12
CA VAL B 154 -3.16 4.95 -11.75
C VAL B 154 -2.51 4.53 -10.45
N ASN B 155 -1.20 4.80 -10.28
CA ASN B 155 -0.52 4.52 -9.03
C ASN B 155 -1.09 5.36 -7.89
N ALA B 156 -1.34 6.65 -8.14
CA ALA B 156 -1.87 7.49 -7.08
C ALA B 156 -3.27 7.07 -6.67
N CYS B 157 -4.13 6.69 -7.62
CA CYS B 157 -5.46 6.22 -7.25
C CYS B 157 -5.33 4.96 -6.37
N GLY B 158 -4.51 4.01 -6.80
CA GLY B 158 -4.36 2.78 -6.02
C GLY B 158 -3.85 3.02 -4.61
N LYS B 159 -2.81 3.84 -4.49
CA LYS B 159 -2.22 4.09 -3.17
C LYS B 159 -3.08 4.98 -2.27
N ASN B 160 -3.70 6.03 -2.83
CA ASN B 160 -4.48 6.96 -2.05
C ASN B 160 -5.89 6.47 -1.72
N THR B 161 -6.52 5.70 -2.62
CA THR B 161 -7.88 5.26 -2.40
C THR B 161 -8.09 3.75 -2.41
N GLU B 162 -7.23 2.99 -3.09
N GLU B 162 -7.23 2.98 -3.08
CA GLU B 162 -7.35 1.56 -3.34
CA GLU B 162 -7.41 1.54 -3.29
C GLU B 162 -8.55 1.22 -4.24
C GLU B 162 -8.67 1.22 -4.10
N THR B 163 -9.28 2.22 -4.74
CA THR B 163 -10.41 1.88 -5.60
C THR B 163 -9.98 1.41 -6.99
N TYR B 164 -8.81 1.85 -7.45
CA TYR B 164 -8.32 1.61 -8.80
C TYR B 164 -9.38 1.96 -9.85
N ALA B 165 -10.14 3.04 -9.59
CA ALA B 165 -11.13 3.49 -10.55
C ALA B 165 -10.46 4.04 -11.81
N MET B 166 -9.23 4.53 -11.69
CA MET B 166 -8.37 4.91 -12.80
C MET B 166 -7.53 3.75 -13.27
N LYS B 167 -7.66 3.39 -14.55
CA LYS B 167 -6.96 2.22 -15.08
C LYS B 167 -6.38 2.47 -16.47
N PHE B 168 -5.40 1.65 -16.84
CA PHE B 168 -5.03 1.49 -18.23
C PHE B 168 -6.07 0.61 -18.92
N LEU B 169 -6.47 1.01 -20.13
CA LEU B 169 -7.46 0.32 -20.95
C LEU B 169 -6.88 0.17 -22.35
N ASN B 170 -7.34 -0.85 -23.06
CA ASN B 170 -7.01 -0.98 -24.48
C ASN B 170 -8.23 -0.56 -25.29
N LYS B 171 -8.06 0.45 -26.15
CA LYS B 171 -9.16 1.03 -26.90
C LYS B 171 -8.79 1.06 -28.38
N ASN B 172 -9.39 0.18 -29.16
CA ASN B 172 -9.12 0.14 -30.60
C ASN B 172 -7.65 -0.20 -30.86
N GLY B 173 -7.06 -1.02 -29.99
CA GLY B 173 -5.66 -1.31 -30.05
C GLY B 173 -4.74 -0.22 -29.54
N LYS B 174 -5.28 0.90 -29.07
CA LYS B 174 -4.48 1.92 -28.41
C LYS B 174 -4.68 1.86 -26.88
N THR B 175 -3.60 2.15 -26.16
CA THR B 175 -3.62 2.23 -24.72
C THR B 175 -4.08 3.61 -24.30
N ILE B 176 -5.03 3.67 -23.39
CA ILE B 176 -5.54 4.90 -22.81
C ILE B 176 -5.69 4.72 -21.30
N ILE B 177 -5.86 5.83 -20.57
CA ILE B 177 -6.30 5.72 -19.18
C ILE B 177 -7.76 6.17 -19.11
N GLY B 178 -8.46 5.59 -18.15
CA GLY B 178 -9.86 5.91 -17.93
C GLY B 178 -10.47 4.96 -16.92
N ALA B 179 -11.80 4.95 -16.89
CA ALA B 179 -12.50 4.00 -16.04
C ALA B 179 -12.90 2.75 -16.82
N GLU B 180 -13.20 1.68 -16.08
CA GLU B 180 -13.59 0.42 -16.72
C GLU B 180 -14.74 0.69 -17.66
N ASP B 181 -14.63 0.14 -18.87
CA ASP B 181 -15.63 0.25 -19.93
C ASP B 181 -15.83 1.69 -20.35
N GLU B 182 -14.84 2.53 -20.04
CA GLU B 182 -14.86 3.92 -20.48
C GLU B 182 -16.09 4.65 -19.94
N LYS B 183 -16.54 4.23 -18.76
CA LYS B 183 -17.69 4.87 -18.15
C LYS B 183 -17.35 6.27 -17.66
N CYS B 184 -18.39 7.08 -17.50
CA CYS B 184 -18.24 8.33 -16.74
C CYS B 184 -17.77 8.04 -15.32
N PHE B 185 -16.77 8.78 -14.82
CA PHE B 185 -16.22 8.43 -13.51
C PHE B 185 -17.27 8.51 -12.42
N ASP B 186 -18.27 9.37 -12.57
CA ASP B 186 -19.28 9.50 -11.52
C ASP B 186 -20.08 8.22 -11.35
N ASP B 187 -20.15 7.40 -12.39
CA ASP B 187 -20.93 6.17 -12.37
C ASP B 187 -20.12 4.97 -11.91
N THR B 188 -18.87 5.17 -11.51
CA THR B 188 -17.99 4.13 -11.05
C THR B 188 -17.79 4.24 -9.53
N ASN B 189 -16.88 3.43 -9.00
CA ASN B 189 -16.56 3.51 -7.57
C ASN B 189 -15.65 4.69 -7.22
N CYS B 190 -15.22 5.45 -8.22
CA CYS B 190 -14.43 6.66 -8.04
C CYS B 190 -15.01 7.53 -6.95
N LEU B 191 -14.13 8.07 -6.10
CA LEU B 191 -14.49 8.99 -5.03
C LEU B 191 -14.54 10.43 -5.49
N LEU B 192 -14.05 10.70 -6.72
CA LEU B 192 -13.92 12.05 -7.29
C LEU B 192 -13.01 12.95 -6.47
N CYS B 193 -12.04 12.36 -5.79
CA CYS B 193 -11.13 13.06 -4.90
C CYS B 193 -10.05 13.83 -5.63
N GLY B 194 -9.82 13.52 -6.88
CA GLY B 194 -8.84 14.18 -7.71
C GLY B 194 -7.38 14.00 -7.35
N GLN B 195 -7.05 12.94 -6.58
CA GLN B 195 -5.64 12.66 -6.32
C GLN B 195 -4.91 12.28 -7.58
N CYS B 196 -5.63 11.71 -8.54
CA CYS B 196 -5.08 11.44 -9.86
C CYS B 196 -4.65 12.73 -10.56
N ILE B 197 -5.47 13.79 -10.47
CA ILE B 197 -5.12 15.08 -11.04
C ILE B 197 -3.83 15.60 -10.42
N ILE B 198 -3.76 15.55 -9.09
CA ILE B 198 -2.59 16.05 -8.38
C ILE B 198 -1.33 15.31 -8.83
N ALA B 199 -1.45 13.99 -9.13
CA ALA B 199 -0.32 13.20 -9.56
C ALA B 199 0.08 13.42 -11.01
N CYS B 200 -0.77 14.03 -11.82
CA CYS B 200 -0.55 14.11 -13.26
C CYS B 200 0.41 15.24 -13.58
N PRO B 201 1.43 14.98 -14.40
CA PRO B 201 2.45 16.00 -14.71
C PRO B 201 2.07 16.93 -15.85
N VAL B 202 0.90 16.74 -16.46
CA VAL B 202 0.44 17.47 -17.63
C VAL B 202 -1.03 17.81 -17.42
N ALA B 203 -1.67 18.37 -18.46
CA ALA B 203 -3.07 18.77 -18.38
C ALA B 203 -4.00 17.67 -18.84
N ALA B 204 -3.57 16.41 -18.74
CA ALA B 204 -4.46 15.36 -19.22
C ALA B 204 -5.63 15.16 -18.28
N LEU B 205 -5.41 15.29 -16.98
CA LEU B 205 -6.49 15.22 -16.01
C LEU B 205 -6.70 16.60 -15.42
N SER B 206 -7.96 17.02 -15.33
CA SER B 206 -8.29 18.33 -14.82
C SER B 206 -9.57 18.26 -13.99
N GLU B 207 -9.82 19.34 -13.26
CA GLU B 207 -11.13 19.51 -12.66
C GLU B 207 -12.16 19.87 -13.72
N LYS B 208 -13.42 19.46 -13.50
CA LYS B 208 -14.51 19.94 -14.34
C LYS B 208 -14.72 21.42 -14.08
N SER B 209 -14.53 22.24 -15.11
CA SER B 209 -14.53 23.68 -14.93
C SER B 209 -15.92 24.19 -14.57
N HIS B 210 -15.98 25.05 -13.54
CA HIS B 210 -17.17 25.85 -13.25
C HIS B 210 -16.93 27.31 -13.59
N MET B 211 -15.87 27.62 -14.33
CA MET B 211 -15.46 29.04 -14.47
C MET B 211 -16.49 29.78 -15.31
N ASP B 212 -17.10 29.09 -16.29
CA ASP B 212 -18.19 29.69 -17.06
C ASP B 212 -19.44 29.95 -16.21
N ARG B 213 -19.84 29.02 -15.33
CA ARG B 213 -20.94 29.30 -14.41
C ARG B 213 -20.69 30.60 -13.67
N VAL B 214 -19.48 30.74 -13.12
CA VAL B 214 -19.18 31.88 -12.27
C VAL B 214 -19.17 33.15 -13.09
N LYS B 215 -18.48 33.12 -14.24
CA LYS B 215 -18.40 34.34 -15.04
C LYS B 215 -19.77 34.76 -15.56
N ASN B 216 -20.59 33.80 -15.96
CA ASN B 216 -21.94 34.13 -16.45
C ASN B 216 -22.80 34.72 -15.34
N ALA B 217 -22.64 34.21 -14.11
CA ALA B 217 -23.38 34.80 -12.99
C ALA B 217 -22.87 36.20 -12.67
N LEU B 218 -21.56 36.38 -12.64
CA LEU B 218 -21.02 37.72 -12.39
C LEU B 218 -21.52 38.72 -13.42
N ASN B 219 -21.63 38.28 -14.66
CA ASN B 219 -22.01 39.19 -15.73
C ASN B 219 -23.51 39.35 -15.91
N ALA B 220 -24.32 38.48 -15.30
CA ALA B 220 -25.76 38.62 -15.36
C ALA B 220 -26.17 39.77 -14.46
N PRO B 221 -26.84 40.79 -14.99
CA PRO B 221 -27.13 41.95 -14.16
C PRO B 221 -27.94 41.64 -12.93
N GLU B 222 -28.86 40.69 -13.00
CA GLU B 222 -29.78 40.46 -11.90
C GLU B 222 -29.25 39.51 -10.84
N LYS B 223 -28.11 38.85 -11.08
CA LYS B 223 -27.59 37.90 -10.10
C LYS B 223 -26.72 38.61 -9.08
N HIS B 224 -26.94 38.26 -7.80
CA HIS B 224 -26.16 38.73 -6.67
C HIS B 224 -25.27 37.57 -6.27
N VAL B 225 -23.99 37.66 -6.65
CA VAL B 225 -23.07 36.52 -6.53
C VAL B 225 -22.33 36.60 -5.20
N ILE B 226 -22.62 35.65 -4.31
CA ILE B 226 -21.92 35.47 -3.06
C ILE B 226 -20.73 34.55 -3.32
N VAL B 227 -19.59 34.83 -2.67
CA VAL B 227 -18.47 33.91 -2.72
C VAL B 227 -17.96 33.58 -1.32
N ALA B 228 -17.53 32.33 -1.13
CA ALA B 228 -16.99 31.93 0.16
C ALA B 228 -15.94 30.86 -0.08
N MET B 229 -14.78 31.00 0.58
N MET B 229 -14.80 30.97 0.60
CA MET B 229 -13.68 30.06 0.37
CA MET B 229 -13.67 30.08 0.40
C MET B 229 -13.54 29.08 1.53
C MET B 229 -13.54 29.08 1.54
N ALA B 230 -13.11 27.88 1.18
CA ALA B 230 -12.82 26.84 2.14
C ALA B 230 -11.64 27.20 3.04
N PRO B 231 -11.54 26.54 4.20
CA PRO B 231 -10.36 26.76 5.08
C PRO B 231 -9.05 26.75 4.32
N SER B 232 -8.83 25.73 3.49
CA SER B 232 -7.52 25.46 2.95
C SER B 232 -7.08 26.46 1.89
N VAL B 233 -8.01 27.17 1.25
CA VAL B 233 -7.61 28.02 0.13
C VAL B 233 -6.65 29.09 0.60
N ARG B 234 -6.88 29.65 1.79
CA ARG B 234 -6.10 30.77 2.32
C ARG B 234 -4.70 30.35 2.69
N ALA B 235 -4.45 29.02 2.76
CA ALA B 235 -3.16 28.48 3.12
C ALA B 235 -2.42 27.93 1.93
N SER B 236 -3.00 28.05 0.71
CA SER B 236 -2.50 27.40 -0.50
C SER B 236 -2.38 28.29 -1.72
N ILE B 237 -3.34 29.17 -1.97
CA ILE B 237 -3.39 29.79 -3.29
C ILE B 237 -2.19 30.67 -3.55
N GLY B 238 -1.50 31.17 -2.51
CA GLY B 238 -0.32 31.96 -2.73
C GLY B 238 0.76 31.23 -3.49
N GLU B 239 0.80 29.89 -3.35
CA GLU B 239 1.73 29.08 -4.12
C GLU B 239 1.68 29.39 -5.61
N LEU B 240 0.47 29.60 -6.16
CA LEU B 240 0.28 29.86 -7.58
C LEU B 240 0.61 31.27 -7.97
N PHE B 241 0.94 32.12 -6.99
CA PHE B 241 1.46 33.46 -7.25
C PHE B 241 2.92 33.57 -6.83
N ASN B 242 3.61 32.45 -6.77
CA ASN B 242 5.05 32.41 -6.50
C ASN B 242 5.39 33.07 -5.16
N MET B 243 4.50 32.93 -4.18
CA MET B 243 4.73 33.49 -2.87
C MET B 243 5.38 32.50 -1.91
N GLY B 244 5.60 31.27 -2.33
CA GLY B 244 6.12 30.25 -1.42
C GLY B 244 5.02 29.46 -0.72
N PHE B 245 5.46 28.64 0.25
CA PHE B 245 4.61 27.66 0.89
C PHE B 245 4.25 28.10 2.30
N GLY B 246 3.01 27.84 2.69
CA GLY B 246 2.61 28.09 4.04
C GLY B 246 2.30 29.55 4.31
N VAL B 247 1.94 30.30 3.27
CA VAL B 247 1.66 31.73 3.40
C VAL B 247 0.18 31.95 3.64
N ASP B 248 -0.16 32.62 4.73
CA ASP B 248 -1.56 33.02 4.96
C ASP B 248 -1.88 34.24 4.11
N VAL B 249 -2.77 34.06 3.12
CA VAL B 249 -3.16 35.15 2.22
C VAL B 249 -4.64 35.46 2.34
N THR B 250 -5.22 35.19 3.51
CA THR B 250 -6.67 35.39 3.70
C THR B 250 -7.14 36.77 3.21
N GLY B 251 -6.53 37.82 3.75
CA GLY B 251 -7.03 39.17 3.46
C GLY B 251 -6.83 39.60 2.03
N LYS B 252 -5.76 39.11 1.38
CA LYS B 252 -5.57 39.37 -0.03
C LYS B 252 -6.66 38.67 -0.86
N ILE B 253 -7.06 37.47 -0.46
CA ILE B 253 -8.14 36.79 -1.17
C ILE B 253 -9.42 37.60 -1.10
N TYR B 254 -9.74 38.10 0.09
CA TYR B 254 -10.97 38.90 0.21
C TYR B 254 -10.94 40.09 -0.74
N THR B 255 -9.82 40.81 -0.78
CA THR B 255 -9.70 41.95 -1.70
C THR B 255 -9.81 41.51 -3.15
N ALA B 256 -9.13 40.39 -3.50
CA ALA B 256 -9.16 39.95 -4.89
C ALA B 256 -10.58 39.61 -5.29
N LEU B 257 -11.36 39.01 -4.37
CA LEU B 257 -12.71 38.59 -4.73
C LEU B 257 -13.58 39.81 -4.99
N ARG B 258 -13.42 40.85 -4.19
CA ARG B 258 -14.13 42.11 -4.50
C ARG B 258 -13.70 42.65 -5.86
N GLN B 259 -12.41 42.61 -6.18
CA GLN B 259 -11.96 43.15 -7.44
C GLN B 259 -12.44 42.33 -8.61
N LEU B 260 -12.76 41.06 -8.41
CA LEU B 260 -13.33 40.20 -9.42
C LEU B 260 -14.79 40.52 -9.67
N GLY B 261 -15.42 41.31 -8.80
CA GLY B 261 -16.79 41.71 -8.99
C GLY B 261 -17.82 40.92 -8.21
N PHE B 262 -17.39 40.03 -7.33
CA PHE B 262 -18.33 39.35 -6.46
C PHE B 262 -19.06 40.37 -5.60
N ASP B 263 -20.33 40.09 -5.32
CA ASP B 263 -21.20 41.06 -4.67
C ASP B 263 -21.24 40.95 -3.15
N LYS B 264 -20.83 39.81 -2.59
CA LYS B 264 -20.74 39.63 -1.15
C LYS B 264 -19.63 38.63 -0.85
N ILE B 265 -18.76 38.96 0.10
CA ILE B 265 -17.60 38.14 0.44
C ILE B 265 -17.90 37.50 1.79
N PHE B 266 -18.15 36.20 1.82
CA PHE B 266 -18.35 35.48 3.05
C PHE B 266 -17.21 34.44 3.19
N ASP B 267 -17.40 33.42 4.02
CA ASP B 267 -16.30 32.46 4.26
C ASP B 267 -16.89 31.11 4.64
N ILE B 268 -16.39 30.04 4.03
CA ILE B 268 -16.88 28.72 4.40
C ILE B 268 -16.52 28.38 5.82
N ASN B 269 -15.50 29.02 6.43
CA ASN B 269 -15.25 28.74 7.83
C ASN B 269 -16.43 29.12 8.73
N PHE B 270 -17.25 30.09 8.33
CA PHE B 270 -18.51 30.35 9.01
C PHE B 270 -19.44 29.15 8.90
N GLY B 271 -19.52 28.57 7.71
CA GLY B 271 -20.21 27.30 7.55
C GLY B 271 -19.63 26.16 8.36
N ALA B 272 -18.30 26.14 8.56
CA ALA B 272 -17.72 25.13 9.42
C ALA B 272 -18.23 25.27 10.86
N ASP B 273 -18.29 26.49 11.35
CA ASP B 273 -18.84 26.72 12.69
C ASP B 273 -20.29 26.27 12.77
N MET B 274 -21.05 26.45 11.68
CA MET B 274 -22.45 25.98 11.63
C MET B 274 -22.49 24.43 11.71
N THR B 275 -21.65 23.79 10.90
CA THR B 275 -21.58 22.33 10.93
C THR B 275 -21.27 21.85 12.35
N ILE B 276 -20.34 22.50 13.05
CA ILE B 276 -20.05 22.09 14.42
C ILE B 276 -21.24 22.30 15.35
N MET B 277 -21.95 23.43 15.23
N MET B 277 -21.96 23.42 15.20
CA MET B 277 -23.13 23.64 16.05
CA MET B 277 -23.11 23.64 16.07
C MET B 277 -24.09 22.47 15.93
C MET B 277 -24.13 22.53 15.92
N GLU B 278 -24.38 22.08 14.68
CA GLU B 278 -25.29 20.97 14.44
C GLU B 278 -24.67 19.63 14.83
N GLU B 279 -23.41 19.42 14.47
CA GLU B 279 -22.83 18.08 14.64
C GLU B 279 -22.47 17.81 16.10
N ALA B 280 -21.92 18.81 16.80
CA ALA B 280 -21.62 18.62 18.21
C ALA B 280 -22.92 18.43 18.99
N THR B 281 -23.97 19.17 18.61
CA THR B 281 -25.28 18.94 19.23
C THR B 281 -25.74 17.50 18.99
N GLU B 282 -25.59 17.00 17.76
CA GLU B 282 -25.97 15.63 17.43
C GLU B 282 -25.15 14.64 18.25
N LEU B 283 -23.85 14.89 18.41
CA LEU B 283 -23.02 13.96 19.16
C LEU B 283 -23.47 13.90 20.61
N VAL B 284 -23.78 15.05 21.21
CA VAL B 284 -24.24 15.06 22.59
C VAL B 284 -25.58 14.35 22.71
N GLN B 285 -26.46 14.52 21.71
CA GLN B 285 -27.75 13.81 21.75
C GLN B 285 -27.56 12.29 21.64
N ARG B 286 -26.64 11.82 20.78
CA ARG B 286 -26.35 10.39 20.70
C ARG B 286 -25.77 9.87 22.00
N ILE B 287 -24.94 10.66 22.66
CA ILE B 287 -24.42 10.23 23.95
C ILE B 287 -25.57 10.05 24.93
N GLU B 288 -26.44 11.04 25.02
CA GLU B 288 -27.57 10.94 25.94
C GLU B 288 -28.48 9.78 25.57
N ASN B 289 -28.57 9.44 24.29
CA ASN B 289 -29.45 8.40 23.79
C ASN B 289 -28.76 7.05 23.72
N ASN B 290 -27.48 6.99 24.10
CA ASN B 290 -26.70 5.75 24.00
C ASN B 290 -26.65 5.22 22.56
N GLY B 291 -26.58 6.16 21.61
CA GLY B 291 -26.39 5.82 20.23
C GLY B 291 -27.30 6.53 19.25
N PRO B 292 -27.20 6.19 17.97
CA PRO B 292 -26.37 5.08 17.48
C PRO B 292 -24.91 5.42 17.33
N PHE B 293 -24.05 4.49 17.68
CA PHE B 293 -22.62 4.64 17.56
C PHE B 293 -22.05 3.62 16.59
N PRO B 294 -20.91 3.92 15.94
CA PRO B 294 -20.32 5.24 15.94
C PRO B 294 -21.07 6.24 15.08
N MET B 295 -20.93 7.51 15.40
CA MET B 295 -21.27 8.57 14.46
C MET B 295 -20.05 8.87 13.59
N PHE B 296 -20.25 8.88 12.29
CA PHE B 296 -19.21 9.25 11.33
C PHE B 296 -19.45 10.67 10.86
N THR B 297 -18.37 11.40 10.62
CA THR B 297 -18.55 12.67 9.95
C THR B 297 -19.07 12.44 8.53
N SER B 298 -19.61 13.50 7.91
CA SER B 298 -20.23 13.37 6.60
C SER B 298 -19.88 14.56 5.72
N CYS B 299 -18.86 15.33 6.10
N CYS B 299 -18.87 15.35 6.10
N CYS B 299 -18.88 15.37 6.12
CA CYS B 299 -18.52 16.60 5.46
CA CYS B 299 -18.54 16.59 5.41
CA CYS B 299 -18.54 16.59 5.42
C CYS B 299 -17.52 16.43 4.31
C CYS B 299 -17.65 16.38 4.18
C CYS B 299 -17.67 16.38 4.19
N CYS B 300 -17.02 15.23 4.07
CA CYS B 300 -16.12 14.95 2.96
C CYS B 300 -16.90 14.18 1.94
N PRO B 301 -17.21 14.74 0.77
CA PRO B 301 -18.02 14.00 -0.22
C PRO B 301 -17.27 12.83 -0.83
N GLY B 302 -15.94 12.85 -0.78
CA GLY B 302 -15.20 11.67 -1.25
C GLY B 302 -15.44 10.48 -0.34
N TRP B 303 -15.39 10.71 0.98
CA TRP B 303 -15.79 9.68 1.94
C TRP B 303 -17.26 9.28 1.78
N VAL B 304 -18.17 10.23 1.59
CA VAL B 304 -19.56 9.84 1.38
C VAL B 304 -19.68 8.89 0.19
N ARG B 305 -19.02 9.22 -0.94
CA ARG B 305 -19.07 8.29 -2.06
C ARG B 305 -18.45 6.94 -1.69
N GLN B 306 -17.37 6.95 -0.93
CA GLN B 306 -16.75 5.69 -0.48
C GLN B 306 -17.73 4.87 0.33
N ALA B 307 -18.42 5.52 1.27
CA ALA B 307 -19.43 4.83 2.07
C ALA B 307 -20.53 4.30 1.19
N GLU B 308 -21.04 5.15 0.28
CA GLU B 308 -22.11 4.75 -0.63
C GLU B 308 -21.72 3.51 -1.43
N ASN B 309 -20.49 3.48 -1.93
CA ASN B 309 -20.06 2.46 -2.87
C ASN B 309 -19.55 1.21 -2.16
N TYR B 310 -18.98 1.34 -0.96
CA TYR B 310 -18.34 0.22 -0.29
C TYR B 310 -18.87 -0.13 1.09
N TYR B 311 -19.52 0.79 1.80
CA TYR B 311 -19.97 0.54 3.18
C TYR B 311 -21.37 1.12 3.36
N PRO B 312 -22.33 0.68 2.56
CA PRO B 312 -23.66 1.27 2.62
C PRO B 312 -24.32 1.09 3.98
N GLU B 313 -23.91 0.08 4.73
CA GLU B 313 -24.43 -0.16 6.08
C GLU B 313 -24.04 0.95 7.04
N LEU B 314 -23.06 1.76 6.68
CA LEU B 314 -22.66 2.87 7.56
C LEU B 314 -23.40 4.16 7.28
N LEU B 315 -24.19 4.23 6.20
CA LEU B 315 -24.84 5.50 5.83
C LEU B 315 -25.77 5.97 6.93
N ASN B 316 -26.46 5.05 7.61
CA ASN B 316 -27.35 5.46 8.69
C ASN B 316 -26.58 6.05 9.88
N ASN B 317 -25.28 5.80 10.00
CA ASN B 317 -24.47 6.33 11.08
C ASN B 317 -23.82 7.65 10.76
N LEU B 318 -23.92 8.12 9.51
CA LEU B 318 -23.34 9.40 9.16
C LEU B 318 -24.08 10.52 9.90
N SER B 319 -23.31 11.50 10.35
CA SER B 319 -23.92 12.72 10.87
C SER B 319 -24.85 13.32 9.83
N SER B 320 -26.00 13.81 10.29
CA SER B 320 -26.94 14.43 9.36
C SER B 320 -26.67 15.90 9.11
N ALA B 321 -25.69 16.49 9.80
CA ALA B 321 -25.35 17.88 9.55
C ALA B 321 -24.83 18.02 8.13
N LYS B 322 -25.30 19.04 7.41
CA LYS B 322 -24.70 19.32 6.11
C LYS B 322 -23.24 19.74 6.27
N SER B 323 -22.45 19.50 5.20
CA SER B 323 -21.07 19.91 5.18
C SER B 323 -20.98 21.44 5.25
N PRO B 324 -19.83 21.96 5.66
CA PRO B 324 -19.72 23.43 5.74
C PRO B 324 -20.12 24.10 4.43
N GLN B 325 -19.74 23.52 3.30
CA GLN B 325 -20.14 24.07 2.01
C GLN B 325 -21.66 24.11 1.86
N GLN B 326 -22.31 22.97 2.03
CA GLN B 326 -23.74 22.90 1.76
C GLN B 326 -24.56 23.61 2.84
N ILE B 327 -24.11 23.58 4.10
CA ILE B 327 -24.84 24.23 5.18
C ILE B 327 -24.76 25.75 5.02
N PHE B 328 -23.59 26.23 4.61
CA PHE B 328 -23.44 27.65 4.25
C PHE B 328 -24.36 28.00 3.10
N GLY B 329 -24.35 27.18 2.05
CA GLY B 329 -25.20 27.44 0.92
C GLY B 329 -26.65 27.54 1.28
N THR B 330 -27.14 26.55 2.05
CA THR B 330 -28.54 26.58 2.45
C THR B 330 -28.86 27.89 3.18
N ALA B 331 -27.98 28.31 4.09
CA ALA B 331 -28.21 29.56 4.80
C ALA B 331 -28.10 30.76 3.90
N SER B 332 -27.27 30.69 2.87
CA SER B 332 -27.14 31.83 1.97
C SER B 332 -28.39 32.08 1.15
N LYS B 333 -29.28 31.08 1.05
CA LYS B 333 -30.51 31.22 0.29
C LYS B 333 -31.71 31.53 1.17
N THR B 334 -31.55 31.47 2.49
CA THR B 334 -32.65 31.58 3.44
C THR B 334 -32.37 32.71 4.42
N TYR B 335 -31.40 32.50 5.29
CA TYR B 335 -30.98 33.54 6.22
C TYR B 335 -30.52 34.79 5.50
N TYR B 336 -29.59 34.64 4.56
CA TYR B 336 -29.00 35.85 3.98
C TYR B 336 -30.05 36.77 3.35
N PRO B 337 -30.94 36.30 2.47
CA PRO B 337 -32.00 37.21 2.01
C PRO B 337 -32.79 37.87 3.16
N SER B 338 -32.99 37.19 4.28
CA SER B 338 -33.74 37.73 5.39
C SER B 338 -33.06 38.94 6.04
N ILE B 339 -31.74 39.07 5.91
CA ILE B 339 -30.98 40.17 6.48
C ILE B 339 -30.45 41.12 5.42
N SER B 340 -30.85 40.94 4.16
CA SER B 340 -30.33 41.78 3.10
C SER B 340 -31.37 42.36 2.15
N GLY B 341 -32.50 41.67 2.00
CA GLY B 341 -33.49 42.11 1.02
C GLY B 341 -33.31 41.53 -0.36
N LEU B 342 -32.24 40.77 -0.60
CA LEU B 342 -32.13 40.09 -1.89
C LEU B 342 -33.33 39.17 -2.11
N ASP B 343 -33.79 39.12 -3.36
CA ASP B 343 -34.76 38.09 -3.74
C ASP B 343 -33.98 36.78 -3.75
N PRO B 344 -34.41 35.77 -2.97
CA PRO B 344 -33.60 34.51 -2.91
C PRO B 344 -33.26 33.94 -4.27
N LYS B 345 -34.17 34.02 -5.24
CA LYS B 345 -33.91 33.40 -6.54
C LYS B 345 -32.77 34.07 -7.30
N ASN B 346 -32.40 35.30 -6.94
CA ASN B 346 -31.32 35.99 -7.62
C ASN B 346 -29.98 35.83 -6.92
N VAL B 347 -29.95 35.18 -5.76
CA VAL B 347 -28.70 34.90 -5.07
C VAL B 347 -28.03 33.72 -5.77
N PHE B 348 -26.76 33.87 -6.11
CA PHE B 348 -25.98 32.81 -6.76
C PHE B 348 -24.76 32.59 -5.89
N THR B 349 -24.62 31.38 -5.32
CA THR B 349 -23.61 31.17 -4.29
C THR B 349 -22.49 30.32 -4.85
N VAL B 350 -21.26 30.85 -4.75
CA VAL B 350 -20.05 30.25 -5.29
C VAL B 350 -19.13 29.90 -4.15
N THR B 351 -18.61 28.68 -4.14
CA THR B 351 -17.54 28.39 -3.21
C THR B 351 -16.21 28.21 -3.94
N VAL B 352 -15.13 28.45 -3.21
CA VAL B 352 -13.79 28.18 -3.67
C VAL B 352 -13.27 27.05 -2.78
N MET B 353 -12.89 25.94 -3.38
N MET B 353 -12.89 25.94 -3.37
CA MET B 353 -12.58 24.69 -2.69
CA MET B 353 -12.56 24.76 -2.58
C MET B 353 -11.22 24.14 -3.09
C MET B 353 -11.29 24.09 -3.08
N PRO B 354 -10.58 23.42 -2.20
CA PRO B 354 -9.35 22.72 -2.59
C PRO B 354 -9.62 21.35 -3.19
N CYS B 355 -10.83 21.17 -3.75
CA CYS B 355 -11.43 19.86 -3.85
C CYS B 355 -12.22 19.75 -5.14
N THR B 356 -12.13 18.57 -5.78
CA THR B 356 -12.97 18.32 -6.94
C THR B 356 -14.29 17.64 -6.57
N SER B 357 -14.32 16.83 -5.51
N SER B 357 -14.30 16.86 -5.48
CA SER B 357 -15.56 16.13 -5.17
CA SER B 357 -15.50 16.13 -5.09
C SER B 357 -16.61 17.10 -4.65
C SER B 357 -16.59 17.09 -4.64
N LYS B 358 -16.19 18.25 -4.14
CA LYS B 358 -17.15 19.29 -3.77
C LYS B 358 -18.03 19.73 -4.95
N LYS B 359 -17.53 19.69 -6.20
CA LYS B 359 -18.40 20.00 -7.33
C LYS B 359 -19.52 18.99 -7.44
N PHE B 360 -19.20 17.70 -7.22
CA PHE B 360 -20.26 16.69 -7.24
C PHE B 360 -21.25 16.92 -6.11
N GLU B 361 -20.75 17.22 -4.91
CA GLU B 361 -21.63 17.46 -3.77
C GLU B 361 -22.60 18.60 -4.07
N ALA B 362 -22.08 19.72 -4.61
CA ALA B 362 -22.90 20.88 -4.89
C ALA B 362 -23.96 20.59 -5.93
N ASP B 363 -23.69 19.61 -6.82
CA ASP B 363 -24.62 19.28 -7.89
C ASP B 363 -25.50 18.10 -7.56
N ARG B 364 -25.47 17.62 -6.32
N ARG B 364 -25.48 17.62 -6.32
CA ARG B 364 -26.34 16.49 -5.94
CA ARG B 364 -26.34 16.51 -5.95
C ARG B 364 -27.80 16.91 -6.06
C ARG B 364 -27.81 16.94 -6.10
N PRO B 365 -28.66 16.12 -6.71
CA PRO B 365 -30.04 16.55 -6.92
C PRO B 365 -30.73 17.13 -5.70
N GLN B 366 -30.61 16.51 -4.52
CA GLN B 366 -31.39 16.90 -3.34
C GLN B 366 -30.71 18.01 -2.50
N MET B 367 -29.57 18.54 -2.95
CA MET B 367 -28.82 19.65 -2.29
C MET B 367 -29.44 20.98 -2.71
N GLU B 368 -30.70 21.12 -2.35
CA GLU B 368 -31.50 22.30 -2.65
C GLU B 368 -32.69 22.33 -1.71
N LYS B 369 -33.25 23.53 -1.55
CA LYS B 369 -34.46 23.75 -0.80
C LYS B 369 -35.31 24.81 -1.46
N ASP B 370 -36.62 24.54 -1.51
CA ASP B 370 -37.56 25.49 -2.07
C ASP B 370 -37.15 25.90 -3.48
N GLY B 371 -36.54 24.98 -4.22
CA GLY B 371 -36.15 25.24 -5.58
C GLY B 371 -34.78 25.87 -5.75
N LEU B 372 -34.12 26.23 -4.65
CA LEU B 372 -32.89 27.01 -4.71
C LEU B 372 -31.73 26.07 -4.37
N ARG B 373 -30.76 25.98 -5.27
CA ARG B 373 -29.57 25.19 -5.00
C ARG B 373 -28.89 25.73 -3.75
N ASP B 374 -28.40 24.83 -2.88
CA ASP B 374 -27.56 25.33 -1.79
C ASP B 374 -26.40 26.12 -2.37
N ILE B 375 -25.74 25.56 -3.38
CA ILE B 375 -24.49 26.03 -3.94
C ILE B 375 -24.63 25.94 -5.46
N ASP B 376 -24.40 27.05 -6.14
CA ASP B 376 -24.60 27.11 -7.58
C ASP B 376 -23.35 26.85 -8.38
N ALA B 377 -22.17 27.09 -7.82
CA ALA B 377 -20.93 26.81 -8.51
C ALA B 377 -19.85 26.59 -7.48
N VAL B 378 -18.88 25.74 -7.83
CA VAL B 378 -17.71 25.46 -7.03
C VAL B 378 -16.51 25.60 -7.95
N ILE B 379 -15.56 26.48 -7.58
CA ILE B 379 -14.30 26.61 -8.31
C ILE B 379 -13.16 26.16 -7.40
N THR B 380 -12.19 25.46 -7.99
CA THR B 380 -11.03 25.02 -7.21
C THR B 380 -10.08 26.19 -6.91
N THR B 381 -9.16 25.93 -6.00
CA THR B 381 -8.05 26.85 -5.75
C THR B 381 -7.39 27.23 -7.06
N ARG B 382 -7.16 26.24 -7.91
CA ARG B 382 -6.51 26.52 -9.18
C ARG B 382 -7.37 27.41 -10.06
N GLU B 383 -8.68 27.13 -10.11
CA GLU B 383 -9.56 27.95 -10.93
C GLU B 383 -9.58 29.39 -10.44
N LEU B 384 -9.58 29.58 -9.13
CA LEU B 384 -9.64 30.95 -8.64
C LEU B 384 -8.34 31.68 -9.01
N ALA B 385 -7.20 31.03 -8.85
CA ALA B 385 -5.94 31.67 -9.25
C ALA B 385 -5.99 32.09 -10.71
N LYS B 386 -6.54 31.24 -11.58
CA LYS B 386 -6.66 31.60 -12.99
C LYS B 386 -7.52 32.84 -13.16
N MET B 387 -8.64 32.88 -12.47
CA MET B 387 -9.58 34.00 -12.62
C MET B 387 -8.91 35.28 -12.18
N ILE B 388 -8.15 35.23 -11.08
CA ILE B 388 -7.48 36.43 -10.57
C ILE B 388 -6.45 36.93 -11.58
N LYS B 389 -5.63 36.02 -12.09
CA LYS B 389 -4.62 36.40 -13.08
C LYS B 389 -5.25 36.96 -14.36
N ASP B 390 -6.29 36.31 -14.86
CA ASP B 390 -6.96 36.78 -16.07
C ASP B 390 -7.50 38.19 -15.92
N ALA B 391 -7.96 38.55 -14.72
CA ALA B 391 -8.49 39.88 -14.43
C ALA B 391 -7.43 40.94 -14.11
N LYS B 392 -6.14 40.63 -14.24
CA LYS B 392 -5.08 41.61 -14.05
C LYS B 392 -5.10 42.20 -12.64
N ILE B 393 -5.47 41.37 -11.67
CA ILE B 393 -5.46 41.76 -10.25
C ILE B 393 -4.08 41.42 -9.70
N PRO B 394 -3.34 42.38 -9.14
CA PRO B 394 -1.99 42.10 -8.58
C PRO B 394 -2.06 41.53 -7.18
N PHE B 395 -2.33 40.22 -7.13
CA PHE B 395 -2.73 39.53 -5.92
C PHE B 395 -1.76 39.80 -4.77
N ALA B 396 -0.47 39.54 -5.00
CA ALA B 396 0.48 39.60 -3.89
C ALA B 396 0.62 41.02 -3.36
N LYS B 397 0.35 42.04 -4.19
CA LYS B 397 0.42 43.44 -3.77
C LYS B 397 -0.84 43.98 -3.10
N LEU B 398 -1.91 43.20 -3.04
CA LEU B 398 -3.16 43.70 -2.51
C LEU B 398 -3.08 43.99 -1.03
N GLU B 399 -3.75 45.06 -0.60
CA GLU B 399 -3.95 45.28 0.82
C GLU B 399 -5.04 44.33 1.35
N ASP B 400 -4.91 43.96 2.61
CA ASP B 400 -5.89 43.10 3.25
C ASP B 400 -7.23 43.81 3.36
N SER B 401 -8.31 43.06 3.13
CA SER B 401 -9.63 43.52 3.53
C SER B 401 -10.27 42.43 4.39
N GLU B 402 -11.47 42.72 4.87
CA GLU B 402 -12.20 41.82 5.75
C GLU B 402 -13.37 41.23 4.97
N ALA B 403 -13.83 40.08 5.44
CA ALA B 403 -15.06 39.55 4.90
C ALA B 403 -16.24 40.35 5.40
N ASP B 404 -17.32 40.28 4.68
CA ASP B 404 -18.61 40.77 5.18
C ASP B 404 -18.99 39.89 6.37
N PRO B 405 -19.20 40.45 7.58
CA PRO B 405 -19.18 39.61 8.80
C PRO B 405 -20.40 38.71 9.01
N ALA B 406 -21.56 39.05 8.44
CA ALA B 406 -22.80 38.35 8.80
C ALA B 406 -22.69 36.85 8.53
N MET B 407 -22.06 36.45 7.45
CA MET B 407 -21.66 35.05 7.32
C MET B 407 -20.20 34.88 6.94
N GLY B 408 -19.35 35.70 7.54
CA GLY B 408 -17.93 35.69 7.21
C GLY B 408 -17.04 35.57 8.43
N GLU B 409 -17.58 35.85 9.64
CA GLU B 409 -16.83 35.61 10.86
C GLU B 409 -16.57 34.13 11.02
N TYR B 410 -15.42 33.79 11.59
CA TYR B 410 -15.20 32.41 11.99
C TYR B 410 -14.32 32.29 13.23
N SER B 411 -14.52 31.19 13.94
CA SER B 411 -13.74 30.86 15.10
C SER B 411 -12.55 30.00 14.70
N GLY B 412 -11.62 29.84 15.65
CA GLY B 412 -10.48 28.97 15.42
C GLY B 412 -10.85 27.52 15.21
N ALA B 413 -11.98 27.08 15.76
CA ALA B 413 -12.48 25.72 15.51
C ALA B 413 -12.85 25.54 14.05
N GLY B 414 -13.54 26.51 13.45
CA GLY B 414 -13.81 26.41 12.02
C GLY B 414 -12.57 26.53 11.17
N ALA B 415 -11.58 27.29 11.67
CA ALA B 415 -10.38 27.57 10.90
C ALA B 415 -9.55 26.31 10.61
N ILE B 416 -9.59 25.32 11.52
CA ILE B 416 -8.73 24.14 11.41
C ILE B 416 -9.37 23.01 10.64
N PHE B 417 -10.55 23.21 10.09
CA PHE B 417 -11.23 22.12 9.41
C PHE B 417 -10.39 21.48 8.31
N GLY B 418 -9.63 22.30 7.59
CA GLY B 418 -8.91 21.83 6.41
C GLY B 418 -7.85 20.79 6.68
N ALA B 419 -7.46 20.59 7.95
CA ALA B 419 -6.42 19.63 8.31
C ALA B 419 -7.06 18.36 8.83
N THR B 420 -6.40 17.22 8.56
CA THR B 420 -6.88 15.96 9.13
C THR B 420 -6.96 16.08 10.64
N GLY B 421 -8.11 15.70 11.19
CA GLY B 421 -8.33 15.87 12.62
C GLY B 421 -8.90 17.21 13.01
N GLY B 422 -9.07 18.09 12.03
CA GLY B 422 -9.62 19.42 12.31
C GLY B 422 -11.07 19.36 12.75
N VAL B 423 -11.91 18.65 12.00
N VAL B 423 -11.92 18.62 12.03
CA VAL B 423 -13.32 18.54 12.39
CA VAL B 423 -13.32 18.58 12.42
C VAL B 423 -13.42 17.89 13.77
C VAL B 423 -13.51 17.83 13.73
N MET B 424 -12.72 16.78 13.96
CA MET B 424 -12.70 16.14 15.27
C MET B 424 -12.41 17.11 16.41
N GLU B 425 -11.30 17.83 16.31
CA GLU B 425 -10.91 18.75 17.37
C GLU B 425 -11.95 19.86 17.55
N ALA B 426 -12.41 20.44 16.45
CA ALA B 426 -13.44 21.48 16.52
C ALA B 426 -14.71 20.98 17.18
N ALA B 427 -15.14 19.79 16.80
CA ALA B 427 -16.38 19.24 17.32
C ALA B 427 -16.26 18.93 18.80
N LEU B 428 -15.11 18.38 19.24
CA LEU B 428 -14.95 18.08 20.66
C LEU B 428 -14.97 19.35 21.51
N ARG B 429 -14.41 20.44 21.00
CA ARG B 429 -14.42 21.68 21.77
C ARG B 429 -15.83 22.10 22.11
N SER B 430 -16.76 21.96 21.16
CA SER B 430 -18.15 22.34 21.43
C SER B 430 -18.92 21.24 22.17
N ALA B 431 -18.71 19.98 21.81
CA ALA B 431 -19.46 18.91 22.47
C ALA B 431 -19.20 18.87 23.97
N LYS B 432 -17.95 19.02 24.37
CA LYS B 432 -17.64 18.96 25.78
C LYS B 432 -18.27 20.13 26.54
N ASP B 433 -18.20 21.34 25.99
CA ASP B 433 -18.89 22.48 26.60
C ASP B 433 -20.39 22.22 26.65
N PHE B 434 -20.96 21.75 25.55
CA PHE B 434 -22.41 21.51 25.51
C PHE B 434 -22.78 20.48 26.58
N ALA B 435 -22.08 19.34 26.58
CA ALA B 435 -22.43 18.24 27.48
C ALA B 435 -22.23 18.63 28.94
N GLU B 436 -21.18 19.36 29.26
CA GLU B 436 -20.84 19.70 30.63
C GLU B 436 -21.45 21.02 31.06
N ASN B 437 -22.19 21.68 30.18
CA ASN B 437 -22.75 23.00 30.42
C ASN B 437 -21.69 23.90 31.07
N ALA B 438 -20.54 23.99 30.38
CA ALA B 438 -19.37 24.65 30.92
C ALA B 438 -18.69 25.44 29.81
N GLU B 439 -17.69 26.22 30.20
CA GLU B 439 -16.87 26.99 29.26
C GLU B 439 -15.43 26.57 29.51
N LEU B 440 -15.05 25.40 28.99
CA LEU B 440 -13.77 24.82 29.35
C LEU B 440 -12.60 25.59 28.74
N GLU B 441 -11.50 25.60 29.49
CA GLU B 441 -10.28 26.31 29.11
C GLU B 441 -9.38 25.46 28.22
N ASP B 442 -9.30 24.16 28.47
CA ASP B 442 -8.39 23.27 27.74
C ASP B 442 -9.11 22.76 26.49
N ILE B 443 -8.67 23.23 25.33
CA ILE B 443 -9.39 23.01 24.08
C ILE B 443 -8.52 22.38 23.01
N GLU B 444 -7.23 22.16 23.26
CA GLU B 444 -6.34 21.67 22.23
C GLU B 444 -6.27 20.14 22.31
N TYR B 445 -6.68 19.50 21.22
CA TYR B 445 -6.68 18.05 21.13
C TYR B 445 -5.57 17.60 20.18
N LYS B 446 -4.32 17.75 20.65
CA LYS B 446 -3.20 17.49 19.77
C LYS B 446 -3.10 16.03 19.35
N GLN B 447 -3.70 15.11 20.13
CA GLN B 447 -3.56 13.69 19.85
C GLN B 447 -4.29 13.28 18.57
N VAL B 448 -5.22 14.09 18.06
CA VAL B 448 -5.91 13.74 16.82
C VAL B 448 -5.31 14.41 15.60
N ARG B 449 -4.25 15.19 15.78
CA ARG B 449 -3.62 15.92 14.70
C ARG B 449 -2.54 15.09 14.01
N GLY B 450 -2.14 15.57 12.84
CA GLY B 450 -0.94 15.04 12.20
C GLY B 450 -1.24 13.95 11.18
N LEU B 451 -0.15 13.41 10.66
CA LEU B 451 -0.23 12.67 9.41
C LEU B 451 -0.38 11.16 9.55
N ASN B 452 -0.48 10.62 10.76
CA ASN B 452 -0.73 9.18 10.83
C ASN B 452 -2.07 8.88 10.16
N GLY B 453 -2.12 7.75 9.45
CA GLY B 453 -3.28 7.44 8.63
C GLY B 453 -4.51 7.12 9.43
N ILE B 454 -4.33 6.55 10.62
CA ILE B 454 -5.41 6.17 11.53
C ILE B 454 -4.98 6.64 12.91
N LYS B 455 -5.76 7.52 13.50
CA LYS B 455 -5.45 8.14 14.77
C LYS B 455 -6.63 7.92 15.70
N GLU B 456 -6.34 7.78 16.97
CA GLU B 456 -7.42 7.63 17.95
C GLU B 456 -7.09 8.36 19.23
N ALA B 457 -8.14 8.60 20.00
CA ALA B 457 -8.00 9.23 21.30
C ALA B 457 -9.17 8.81 22.18
N GLU B 458 -8.90 8.78 23.46
CA GLU B 458 -9.91 8.64 24.50
C GLU B 458 -10.20 10.01 25.05
N VAL B 459 -11.46 10.41 25.05
CA VAL B 459 -11.85 11.72 25.54
C VAL B 459 -12.86 11.56 26.66
N GLU B 460 -12.81 12.46 27.63
CA GLU B 460 -13.67 12.33 28.80
C GLU B 460 -14.70 13.45 28.72
N ILE B 461 -15.97 13.08 28.79
CA ILE B 461 -17.07 14.05 28.78
C ILE B 461 -18.02 13.67 29.90
N ASN B 462 -18.26 14.59 30.85
CA ASN B 462 -19.08 14.31 32.02
C ASN B 462 -18.59 13.08 32.76
N ASN B 463 -17.27 12.99 32.91
CA ASN B 463 -16.64 11.91 33.65
C ASN B 463 -16.80 10.54 33.03
N ASN B 464 -17.35 10.45 31.81
CA ASN B 464 -17.41 9.22 31.04
C ASN B 464 -16.36 9.27 29.94
N LYS B 465 -15.80 8.12 29.62
CA LYS B 465 -14.82 8.02 28.55
C LYS B 465 -15.48 7.59 27.25
N TYR B 466 -15.10 8.25 26.16
CA TYR B 466 -15.58 7.99 24.82
C TYR B 466 -14.38 7.81 23.91
N ASN B 467 -14.56 6.97 22.90
CA ASN B 467 -13.50 6.64 21.98
C ASN B 467 -13.72 7.37 20.67
N VAL B 468 -12.70 8.03 20.17
CA VAL B 468 -12.81 8.70 18.89
C VAL B 468 -11.69 8.23 18.00
N ALA B 469 -11.93 8.33 16.70
CA ALA B 469 -10.91 7.99 15.72
C ALA B 469 -10.96 9.00 14.58
N VAL B 470 -9.81 9.18 13.95
CA VAL B 470 -9.64 10.06 12.80
C VAL B 470 -8.99 9.24 11.71
N ILE B 471 -9.70 9.07 10.62
CA ILE B 471 -9.26 8.29 9.47
C ILE B 471 -8.79 9.29 8.44
N ASN B 472 -7.52 9.17 8.07
CA ASN B 472 -6.81 10.21 7.31
C ASN B 472 -6.44 9.60 5.96
N GLY B 473 -7.39 9.63 5.02
CA GLY B 473 -7.21 9.15 3.67
C GLY B 473 -8.09 7.92 3.38
N ALA B 474 -8.57 7.84 2.14
CA ALA B 474 -9.54 6.81 1.78
C ALA B 474 -8.93 5.39 1.88
N SER B 475 -7.68 5.24 1.50
CA SER B 475 -7.03 3.95 1.65
C SER B 475 -6.97 3.53 3.13
N ASN B 476 -6.79 4.50 4.05
CA ASN B 476 -6.80 4.21 5.47
C ASN B 476 -8.19 3.86 5.99
N LEU B 477 -9.25 4.35 5.34
CA LEU B 477 -10.59 3.90 5.70
C LEU B 477 -10.72 2.41 5.40
N PHE B 478 -10.29 1.98 4.22
CA PHE B 478 -10.29 0.56 3.88
C PHE B 478 -9.47 -0.23 4.88
N LYS B 479 -8.28 0.25 5.23
CA LYS B 479 -7.46 -0.44 6.22
C LYS B 479 -8.19 -0.59 7.54
N PHE B 480 -8.75 0.52 8.05
CA PHE B 480 -9.45 0.53 9.32
C PHE B 480 -10.57 -0.48 9.34
N MET B 481 -11.30 -0.60 8.23
CA MET B 481 -12.45 -1.50 8.22
C MET B 481 -12.02 -2.94 7.94
N LYS B 482 -11.20 -3.15 6.90
CA LYS B 482 -10.84 -4.51 6.49
C LYS B 482 -9.95 -5.18 7.52
N SER B 483 -9.15 -4.40 8.23
CA SER B 483 -8.28 -4.98 9.26
C SER B 483 -9.03 -5.40 10.50
N GLY B 484 -10.28 -4.99 10.64
CA GLY B 484 -11.02 -5.19 11.87
C GLY B 484 -10.71 -4.22 12.99
N MET B 485 -9.92 -3.20 12.70
CA MET B 485 -9.62 -2.20 13.72
C MET B 485 -10.91 -1.61 14.26
N ILE B 486 -11.91 -1.43 13.39
CA ILE B 486 -13.24 -0.92 13.73
C ILE B 486 -13.86 -1.69 14.89
N ASN B 487 -13.50 -2.96 15.03
CA ASN B 487 -14.13 -3.80 16.03
C ASN B 487 -13.30 -4.02 17.29
N GLU B 488 -12.17 -3.33 17.43
CA GLU B 488 -11.36 -3.50 18.62
C GLU B 488 -11.98 -2.85 19.86
N LYS B 489 -12.91 -1.93 19.67
CA LYS B 489 -13.54 -1.23 20.77
C LYS B 489 -14.78 -0.57 20.20
N GLN B 490 -15.63 -0.04 21.09
CA GLN B 490 -16.77 0.74 20.63
C GLN B 490 -16.32 2.17 20.36
N TYR B 491 -16.33 2.56 19.09
N TYR B 491 -16.32 2.58 19.09
CA TYR B 491 -16.05 3.94 18.71
CA TYR B 491 -16.03 3.95 18.76
C TYR B 491 -17.34 4.74 18.82
C TYR B 491 -17.32 4.76 18.79
N HIS B 492 -17.22 5.98 19.29
CA HIS B 492 -18.38 6.85 19.40
C HIS B 492 -18.44 7.91 18.34
N PHE B 493 -17.30 8.42 17.87
CA PHE B 493 -17.26 9.47 16.87
C PHE B 493 -16.01 9.28 16.02
N ILE B 494 -16.19 9.27 14.72
CA ILE B 494 -15.12 8.97 13.77
C ILE B 494 -15.16 10.00 12.66
N GLU B 495 -14.04 10.71 12.48
CA GLU B 495 -13.83 11.62 11.34
C GLU B 495 -13.23 10.79 10.23
N VAL B 496 -13.73 10.94 9.01
CA VAL B 496 -13.12 10.35 7.83
C VAL B 496 -12.89 11.41 6.76
N MET B 497 -11.65 11.50 6.27
N MET B 497 -11.68 11.42 6.20
N MET B 497 -11.68 11.43 6.20
CA MET B 497 -11.32 12.30 5.11
CA MET B 497 -11.30 12.31 5.12
CA MET B 497 -11.34 12.31 5.10
C MET B 497 -10.80 11.40 4.00
C MET B 497 -10.68 11.49 4.00
C MET B 497 -10.70 11.49 4.01
N ALA B 498 -11.08 11.77 2.75
CA ALA B 498 -10.61 10.94 1.63
C ALA B 498 -9.17 11.26 1.21
N CYS B 499 -8.70 12.49 1.43
CA CYS B 499 -7.39 12.93 0.99
C CYS B 499 -6.45 12.92 2.18
N HIS B 500 -5.34 12.18 2.02
CA HIS B 500 -4.38 12.09 3.11
C HIS B 500 -3.78 13.45 3.41
N GLY B 501 -3.79 13.82 4.68
CA GLY B 501 -3.48 15.18 5.13
C GLY B 501 -4.68 16.06 5.34
N GLY B 502 -5.84 15.65 4.83
CA GLY B 502 -7.02 16.47 4.85
C GLY B 502 -7.13 17.29 3.60
N CYS B 503 -8.07 18.25 3.66
CA CYS B 503 -8.36 19.07 2.49
C CYS B 503 -7.19 19.92 2.04
N VAL B 504 -6.23 20.19 2.92
CA VAL B 504 -5.07 20.92 2.46
C VAL B 504 -4.37 20.18 1.34
N ASN B 505 -4.56 18.83 1.24
CA ASN B 505 -3.99 18.05 0.16
C ASN B 505 -5.06 17.59 -0.85
N GLY B 506 -6.10 18.39 -1.01
CA GLY B 506 -7.19 18.05 -1.90
C GLY B 506 -6.81 18.06 -3.38
N GLY B 507 -7.75 17.51 -4.18
CA GLY B 507 -7.58 17.35 -5.59
C GLY B 507 -7.75 18.56 -6.42
N GLY B 508 -8.19 19.66 -5.82
CA GLY B 508 -8.25 20.94 -6.49
C GLY B 508 -7.15 21.91 -6.12
N GLN B 509 -6.12 21.45 -5.43
CA GLN B 509 -5.06 22.27 -4.93
C GLN B 509 -3.95 22.53 -5.95
N PRO B 510 -3.06 23.48 -5.66
CA PRO B 510 -1.93 23.73 -6.57
C PRO B 510 -1.08 22.49 -6.74
N HIS B 511 -0.68 22.21 -7.99
CA HIS B 511 0.33 21.21 -8.20
C HIS B 511 1.66 21.69 -7.61
N VAL B 512 2.44 20.74 -7.12
CA VAL B 512 3.74 21.00 -6.54
C VAL B 512 4.77 20.16 -7.29
N ASN B 513 5.80 20.81 -7.79
CA ASN B 513 6.91 20.12 -8.41
C ASN B 513 7.42 19.01 -7.48
N PRO B 514 7.58 17.76 -7.96
CA PRO B 514 8.16 16.73 -7.10
C PRO B 514 9.52 17.08 -6.52
N LYS B 515 10.11 18.20 -7.00
CA LYS B 515 11.38 18.72 -6.46
C LYS B 515 11.13 19.59 -5.24
N ASP B 516 10.20 20.53 -5.34
CA ASP B 516 9.71 21.25 -4.16
C ASP B 516 9.21 20.27 -3.11
N LEU B 517 8.60 19.16 -3.54
CA LEU B 517 8.00 18.24 -2.59
C LEU B 517 9.04 17.45 -1.82
N GLU B 518 10.27 17.35 -2.33
CA GLU B 518 11.35 16.76 -1.54
C GLU B 518 11.85 17.72 -0.47
N LYS B 519 11.67 19.03 -0.65
CA LYS B 519 12.12 20.01 0.33
C LYS B 519 11.02 20.44 1.31
N VAL B 520 9.75 20.18 1.00
CA VAL B 520 8.64 20.76 1.74
C VAL B 520 7.66 19.66 2.08
N ASP B 521 7.25 19.57 3.35
CA ASP B 521 6.13 18.72 3.76
C ASP B 521 4.85 19.50 3.50
N ILE B 522 4.31 19.37 2.29
CA ILE B 522 3.21 20.23 1.85
C ILE B 522 2.00 20.08 2.75
N LYS B 523 1.75 18.86 3.22
CA LYS B 523 0.58 18.61 4.05
C LYS B 523 0.69 19.36 5.37
N LYS B 524 1.88 19.28 5.99
CA LYS B 524 2.12 19.97 7.26
C LYS B 524 2.19 21.48 7.08
N VAL B 525 2.86 21.94 6.03
CA VAL B 525 3.08 23.38 5.88
C VAL B 525 1.76 24.10 5.57
N ARG B 526 0.93 23.49 4.75
CA ARG B 526 -0.36 24.13 4.49
C ARG B 526 -1.22 24.09 5.75
N ALA B 527 -1.23 22.96 6.45
CA ALA B 527 -2.05 22.87 7.65
C ALA B 527 -1.61 23.88 8.69
N SER B 528 -0.31 24.20 8.72
CA SER B 528 0.23 25.07 9.77
C SER B 528 -0.47 26.41 9.77
N VAL B 529 -0.82 26.89 8.57
CA VAL B 529 -1.52 28.16 8.46
C VAL B 529 -2.83 28.13 9.25
N LEU B 530 -3.55 27.02 9.16
CA LEU B 530 -4.85 26.91 9.80
C LEU B 530 -4.71 26.85 11.31
N TYR B 531 -3.79 26.02 11.81
CA TYR B 531 -3.55 26.00 13.25
C TYR B 531 -3.01 27.34 13.78
N ASN B 532 -2.19 28.03 12.98
CA ASN B 532 -1.75 29.37 13.38
C ASN B 532 -2.94 30.31 13.55
N GLN B 533 -3.92 30.25 12.63
CA GLN B 533 -5.07 31.14 12.76
C GLN B 533 -5.83 30.80 14.02
N ASP B 534 -6.04 29.51 14.28
CA ASP B 534 -6.71 29.09 15.52
C ASP B 534 -5.98 29.65 16.74
N GLU B 535 -4.66 29.51 16.78
CA GLU B 535 -3.86 30.00 17.90
C GLU B 535 -4.10 31.48 18.17
N HIS B 536 -4.30 32.28 17.12
CA HIS B 536 -4.35 33.73 17.28
C HIS B 536 -5.75 34.31 17.31
N LEU B 537 -6.78 33.48 17.19
CA LEU B 537 -8.14 33.96 17.23
C LEU B 537 -8.65 34.06 18.67
N SER B 538 -9.40 35.12 18.95
CA SER B 538 -9.99 35.30 20.27
C SER B 538 -11.06 34.26 20.52
N LYS B 539 -11.87 33.94 19.52
CA LYS B 539 -12.89 32.91 19.64
C LYS B 539 -12.34 31.63 19.02
N ARG B 540 -12.22 30.58 19.83
CA ARG B 540 -11.70 29.30 19.34
C ARG B 540 -12.70 28.16 19.46
N LYS B 541 -13.97 28.49 19.68
CA LYS B 541 -15.04 27.50 19.71
C LYS B 541 -16.14 27.99 18.78
N SER B 542 -16.71 27.06 18.02
CA SER B 542 -17.68 27.47 17.01
C SER B 542 -18.87 28.21 17.63
N HIS B 543 -19.27 27.81 18.85
CA HIS B 543 -20.46 28.39 19.46
C HIS B 543 -20.20 29.75 20.08
N GLU B 544 -18.96 30.26 19.97
CA GLU B 544 -18.64 31.62 20.38
C GLU B 544 -18.59 32.59 19.21
N ASN B 545 -18.78 32.10 17.98
CA ASN B 545 -18.84 32.94 16.78
C ASN B 545 -20.03 33.92 16.88
N THR B 546 -19.73 35.21 17.03
CA THR B 546 -20.80 36.18 17.33
C THR B 546 -21.82 36.27 16.20
N ALA B 547 -21.35 36.37 14.96
CA ALA B 547 -22.28 36.41 13.85
C ALA B 547 -23.13 35.15 13.78
N LEU B 548 -22.53 34.00 14.08
CA LEU B 548 -23.29 32.75 14.04
C LEU B 548 -24.34 32.73 15.13
N VAL B 549 -23.95 33.16 16.34
CA VAL B 549 -24.92 33.19 17.44
C VAL B 549 -26.11 34.07 17.07
N LYS B 550 -25.83 35.26 16.51
CA LYS B 550 -26.94 36.13 16.10
C LYS B 550 -27.82 35.43 15.06
N MET B 551 -27.22 34.65 14.15
CA MET B 551 -28.05 34.06 13.11
C MET B 551 -28.91 32.95 13.69
N TYR B 552 -28.39 32.17 14.64
CA TYR B 552 -29.25 31.17 15.29
C TYR B 552 -30.34 31.84 16.11
N GLN B 553 -29.99 32.87 16.89
CA GLN B 553 -30.96 33.54 17.75
C GLN B 553 -32.09 34.14 16.92
N ASN B 554 -31.78 34.72 15.77
CA ASN B 554 -32.77 35.49 15.04
C ASN B 554 -33.48 34.71 13.93
N TYR B 555 -32.92 33.59 13.50
CA TYR B 555 -33.46 32.92 12.33
C TYR B 555 -33.61 31.41 12.49
N PHE B 556 -32.57 30.70 12.93
CA PHE B 556 -32.64 29.24 12.93
C PHE B 556 -33.11 28.61 14.23
N GLY B 557 -33.06 29.32 15.36
CA GLY B 557 -33.47 28.76 16.63
C GLY B 557 -32.39 27.89 17.24
N LYS B 558 -32.77 26.75 17.80
CA LYS B 558 -31.76 25.95 18.49
C LYS B 558 -31.18 24.90 17.55
N PRO B 559 -29.87 24.68 17.55
CA PRO B 559 -29.32 23.62 16.71
C PRO B 559 -29.98 22.30 17.01
N GLY B 560 -30.07 21.48 15.97
CA GLY B 560 -30.58 20.13 16.10
C GLY B 560 -32.07 20.03 16.19
N GLU B 561 -32.77 21.14 16.20
CA GLU B 561 -34.21 21.16 16.40
C GLU B 561 -34.84 22.09 15.38
N GLY B 562 -36.11 21.83 15.08
CA GLY B 562 -36.90 22.85 14.38
C GLY B 562 -36.32 23.25 13.04
N ARG B 563 -36.39 24.55 12.76
CA ARG B 563 -35.92 25.07 11.48
C ARG B 563 -34.51 24.61 11.19
N ALA B 564 -33.66 24.48 12.22
CA ALA B 564 -32.29 24.03 12.00
C ALA B 564 -32.27 22.59 11.50
N HIS B 565 -33.02 21.72 12.16
CA HIS B 565 -33.12 20.35 11.66
C HIS B 565 -33.78 20.32 10.29
N GLU B 566 -34.73 21.23 10.08
CA GLU B 566 -35.52 21.24 8.85
C GLU B 566 -34.65 21.48 7.63
N ILE B 567 -33.72 22.42 7.71
CA ILE B 567 -33.06 22.80 6.48
C ILE B 567 -31.54 22.65 6.54
N LEU B 568 -30.93 22.55 7.71
CA LEU B 568 -29.49 22.43 7.77
C LEU B 568 -28.98 21.00 7.82
N HIS B 569 -29.86 20.00 7.69
CA HIS B 569 -29.49 18.60 7.75
C HIS B 569 -29.81 17.89 6.43
N PHE B 570 -29.18 16.73 6.26
CA PHE B 570 -29.27 15.95 5.03
C PHE B 570 -29.03 14.51 5.43
N LYS B 571 -29.94 13.63 5.11
CA LYS B 571 -29.72 12.23 5.43
C LYS B 571 -29.32 11.49 4.16
N TYR B 572 -28.22 10.76 4.22
N TYR B 572 -28.10 10.97 4.22
CA TYR B 572 -27.98 9.77 3.17
CA TYR B 572 -27.36 10.41 3.12
C TYR B 572 -28.74 8.50 3.51
C TYR B 572 -27.78 8.99 2.83
N LYS B 573 -29.41 7.94 2.52
N LYS B 573 -28.84 8.50 3.48
CA LYS B 573 -30.20 6.72 2.68
CA LYS B 573 -29.37 7.15 3.32
C LYS B 573 -30.03 5.82 1.46
C LYS B 573 -28.90 6.44 2.06
FE1 402 C . 9.28 -22.76 -4.09
FE2 402 C . 9.05 -24.39 -6.03
S1 402 C . 10.26 -22.46 -6.16
S2 402 C . 7.35 -23.09 -5.25
O3 402 C . 7.93 -23.42 -1.52
N4 402 C . 12.12 -22.82 -2.98
O5 402 C . 10.01 -25.60 -3.53
N6 402 C . 7.15 -26.73 -5.69
O7 402 C . 11.22 -25.98 -7.14
C3 402 C . 8.57 -23.20 -2.59
C4 402 C . 10.96 -22.76 -3.39
C5 402 C . 9.62 -24.66 -4.17
C6 402 C . 7.90 -25.95 -5.87
C7 402 C . 10.37 -25.42 -6.61
C2 402 C . 6.93 -21.55 -6.30
N1 402 C . 7.95 -21.46 -7.40
C1 402 C . 9.35 -21.12 -7.07
FE1 SF4 D . 5.04 -20.63 -1.18
FE2 SF4 D . 5.56 -18.02 -1.18
FE3 SF4 D . 4.32 -19.20 -3.31
FE4 SF4 D . 6.99 -19.74 -2.76
S1 SF4 D . 6.12 -17.71 -3.33
S2 SF4 D . 5.36 -21.21 -3.34
S3 SF4 D . 6.98 -19.64 -0.52
S4 SF4 D . 3.47 -19.06 -1.24
FE1 SF4 E . -0.94 -14.74 3.77
FE2 SF4 E . -2.73 -12.95 4.88
FE3 SF4 E . -1.41 -14.74 6.49
FE4 SF4 E . -3.44 -15.54 4.83
S1 SF4 E . -3.64 -14.14 6.62
S2 SF4 E . -1.38 -16.58 5.16
S3 SF4 E . -3.10 -14.14 2.99
S4 SF4 E . -0.46 -13.03 5.22
FE1 SF4 F . 1.72 -12.42 16.27
FE2 SF4 F . 1.20 -9.79 16.92
FE3 SF4 F . -0.56 -11.76 17.72
FE4 SF4 F . -0.33 -11.14 15.08
S1 SF4 F . -1.10 -9.76 16.74
S2 SF4 F . -0.37 -13.27 15.95
S3 SF4 F . 1.86 -10.61 14.89
S4 SF4 F . 1.61 -11.44 18.41
FE1 SF4 G . 6.56 -16.24 24.86
FE2 SF4 G . 8.70 -15.81 23.28
FE3 SF4 G . 7.67 -18.26 23.45
FE4 SF4 G . 8.96 -17.22 25.63
S1 SF4 G . 9.87 -17.66 23.60
S2 SF4 G . 6.90 -18.30 25.63
S3 SF4 G . 8.37 -15.05 25.46
S4 SF4 G . 6.66 -16.49 22.51
FE1 FES H . 5.66 2.33 18.58
FE2 FES H . 4.37 0.04 19.13
S1 FES H . 3.61 2.11 19.33
S2 FES H . 6.49 0.31 18.54
C FOR I . 7.12 -21.53 -8.58
C1 GOL J . -0.15 -42.85 1.08
O1 GOL J . 0.33 -41.99 0.06
C2 GOL J . 1.02 -43.84 1.28
O2 GOL J . 0.59 -45.10 1.45
C3 GOL J . 1.83 -43.32 2.46
O3 GOL J . 2.95 -44.20 2.63
H11 GOL J . -0.96 -43.33 0.83
H12 GOL J . -0.36 -42.40 1.91
HO1 GOL J . 0.60 -41.28 0.44
H2 GOL J . 1.58 -43.85 0.48
H31 GOL J . 1.24 -43.28 3.24
H32 GOL J . 2.07 -42.39 2.28
HO3 GOL J . 3.37 -44.21 1.89
C FOR K . 2.90 -0.01 6.59
C1 GOL L . 16.92 -13.94 23.64
O1 GOL L . 17.34 -12.58 23.76
C2 GOL L . 15.53 -13.90 22.94
O2 GOL L . 15.52 -13.07 21.80
C3 GOL L . 15.13 -15.35 22.57
O3 GOL L . 16.07 -15.72 21.61
H11 GOL L . 16.84 -14.39 24.49
H12 GOL L . 17.53 -14.47 23.11
HO1 GOL L . 16.71 -12.11 23.45
H2 GOL L . 14.88 -13.53 23.58
HO2 GOL L . 16.32 -13.05 21.50
H31 GOL L . 14.21 -15.37 22.24
H32 GOL L . 15.13 -15.91 23.36
HO3 GOL L . 16.48 -15.00 21.39
C FOR M . 5.43 -23.35 -12.43
O FOR M . 4.39 -23.38 -13.06
C FOR N . -9.66 -25.46 7.45
C FOR N . -10.32 -25.27 7.59
O FOR N . -10.08 -26.19 8.36
O FOR N . -10.65 -25.32 6.41
C FOR O . 7.64 -20.74 -8.62
O FOR O . 6.41 -20.76 -8.67
CL CL P . 12.34 -22.82 -3.09
MG MG Q . 12.21 -45.68 9.24
MG MG R . 0.60 4.12 12.60
CL CL S . -8.11 -30.69 -5.23
CL CL T . 19.42 -42.95 -6.42
FE1 402 U . -12.69 20.91 3.19
FE2 402 U . -14.75 21.45 4.61
S1 402 U . -12.74 20.98 5.51
S2 402 U . -14.49 19.50 3.45
O3 402 U . -12.99 20.86 0.28
N4 402 U . -10.62 23.13 3.32
O5 402 U . -14.23 23.42 2.64
N6 402 U . -17.41 21.77 3.16
O7 402 U . -14.99 23.87 6.20
C3 402 U . -12.75 20.99 1.47
C4 402 U . -11.44 22.26 3.24
C5 402 U . -13.87 22.39 3.12
C6 402 U . -16.44 21.56 3.73
C7 402 U . -14.92 22.95 5.50
C2 402 U . -13.91 18.02 4.38
N1 402 U . -13.85 18.43 5.80
C1 402 U . -12.68 19.25 6.16
FE1 SF4 V . -12.49 16.99 -0.79
FE2 SF4 V . -10.33 15.59 -0.16
FE3 SF4 V . -12.65 15.12 1.11
FE4 SF4 V . -11.33 17.47 1.56
S1 SF4 V . -10.61 15.41 2.11
S2 SF4 V . -13.55 17.17 1.14
S3 SF4 V . -10.41 17.83 -0.43
S4 SF4 V . -12.24 14.78 -1.09
FE1 SF4 W . -9.74 9.69 -6.68
FE2 SF4 W . -9.06 7.39 -8.07
FE3 SF4 W . -8.94 9.85 -9.33
FE4 SF4 W . -11.33 8.69 -8.75
S1 SF4 W . -9.78 7.88 -10.23
S2 SF4 W . -10.76 10.89 -8.42
S3 SF4 W . -10.82 7.60 -6.71
S4 SF4 W . -7.68 9.15 -7.47
FE1 SF4 X . -1.66 12.15 -16.48
FE2 SF4 X . 0.26 10.17 -16.69
FE3 SF4 X . -1.86 10.31 -18.48
FE4 SF4 X . -2.30 9.59 -15.94
S1 SF4 X . -1.06 8.44 -17.44
S2 SF4 X . -3.53 11.10 -17.18
S3 SF4 X . -0.80 10.84 -14.81
S4 SF4 X . -0.18 11.86 -18.18
FE1 SF4 Y . 1.48 19.84 -22.92
FE2 SF4 Y . 2.29 20.92 -20.57
FE3 SF4 Y . -0.05 21.70 -21.70
FE4 SF4 Y . 2.25 22.42 -22.88
S1 SF4 Y . 1.58 23.02 -20.78
S2 SF4 Y . 0.44 21.56 -23.95
S3 SF4 Y . 3.56 20.63 -22.45
S4 SF4 Y . 0.38 19.64 -20.92
FE1 FES Z . 12.50 5.90 -14.03
FE2 FES Z . 10.27 6.52 -15.43
S1 FES Z . 11.53 4.71 -15.59
S2 FES Z . 11.34 7.77 -13.98
C FOR AA . -18.48 16.95 9.22
O FOR AA . -19.47 16.17 9.21
C FOR BA . -14.94 17.70 6.40
C1 GOL CA . 0.46 17.30 17.00
O1 GOL CA . 1.75 17.79 17.28
C2 GOL CA . 0.61 16.14 15.97
O2 GOL CA . 1.08 16.55 14.71
C3 GOL CA . 1.47 15.07 16.63
O3 GOL CA . 0.63 13.95 16.75
C FOR DA . 4.74 3.14 -4.91
C1 GOL EA . -29.35 30.78 -8.85
O1 GOL EA . -29.24 32.18 -8.70
C2 GOL EA . -30.59 30.33 -8.09
O2 GOL EA . -31.80 30.82 -8.54
C3 GOL EA . -30.59 28.75 -8.27
O3 GOL EA . -30.13 28.27 -7.06
H11 GOL EA . -28.58 30.31 -8.49
H12 GOL EA . -29.42 30.51 -9.78
HO1 GOL EA . -29.60 32.36 -7.95
H2 GOL EA . -30.51 30.65 -7.19
HO2 GOL EA . -32.36 30.71 -7.92
H31 GOL EA . -30.04 28.51 -9.02
H32 GOL EA . -31.49 28.45 -8.49
HO3 GOL EA . -30.78 28.31 -6.52
C FOR FA . -21.19 11.11 -15.67
C FOR FA . -21.28 10.78 -15.82
O FOR FA . -21.95 10.37 -15.03
O FOR FA . -21.76 11.58 -16.61
C FOR GA . -14.08 17.55 6.92
O FOR GA . -14.85 16.64 6.58
CL CL HA . -10.65 23.16 3.51
MG MG IA . -21.33 -1.07 -6.09
MG MG JA . 8.66 -0.17 -10.45
MG MG KA . -22.43 41.01 -11.38
CL CL LA . -28.88 13.73 -3.93
CL CL MA . -22.33 41.41 6.10
CL CL NA . 2.56 14.66 11.96
#